data_6LQ1
#
_entry.id   6LQ1
#
_cell.length_a   98.295
_cell.length_b   206.431
_cell.length_c   74.152
_cell.angle_alpha   90.000
_cell.angle_beta   90.000
_cell.angle_gamma   90.000
#
_symmetry.space_group_name_H-M   'P 21 21 2'
#
loop_
_entity.id
_entity.type
_entity.pdbx_description
1 polymer 'Acyl-CoA dehydrogenase'
2 non-polymer 'FLAVIN-ADENINE DINUCLEOTIDE'
3 non-polymer 'OCTANOIC ACID (CAPRYLIC ACID)'
4 non-polymer 'COENZYME A'
5 water water
#
_entity_poly.entity_id   1
_entity_poly.type   'polypeptide(L)'
_entity_poly.pdbx_seq_one_letter_code
;MSHYKSNVRDQVFNLFEVFGVDKVLGADKFSDLDADTAREMLTEIARLAEGPIAESFVEGDRNPPVFDPETHTVTLPEGF
KKSMRALFDGGWDKVGLAEHLGGIPMPRALQWALIEHILGANPAAYMYAMGPGMSEIFYNNGTDEQKKWATIAAERGWGA
TMVLTEPDAGSDVGAGRTKAVQQPDGTWHIEGVKRFITSADSDDLFENIMHLVLARPEGAGPGTKGLSLFFVPKFHFDHE
TGEIGERNGVFVTNVEHKMGLKVSATCELSLGQHGIPAVGWLVGEVHNGIAQMFDVIEQARMMVGTKAIATLSTGYLNAL
EYAKERVQGADMTQMTDKTAPRVTITHHPDVRRSLMTQKAYAEGLRAIYLYTATFQDAEVAQAVHGVDGDLAARVNDLLL
PIVKGFGSETAYAKLTESLQTLGGSGFLQDYPIEQYIRDSKIDSLYAGTTAIQAQDFFFRKIIRDKGQALAYVAGEIEQF
IKNENGNGRLKTERELLATALADVQGMAASLTGYLMAAQEDAASIYKVGLGSVRFLMAVGDLLSGWLLARQAAVAIEKLD
AGATGADKSFYEGKIAAASFFAKNMLPLLTSTRQIIENLDNDVMELDEAAF
;
_entity_poly.pdbx_strand_id   A,B
#
# COMPACT_ATOMS: atom_id res chain seq x y z
N MET A 1 6.82 19.13 18.35
CA MET A 1 8.08 18.37 18.07
C MET A 1 7.99 17.75 16.66
N SER A 2 8.71 16.65 16.45
CA SER A 2 9.04 16.16 15.12
C SER A 2 8.21 14.93 14.77
N HIS A 3 8.38 14.48 13.53
CA HIS A 3 7.62 13.34 13.04
C HIS A 3 8.07 12.05 13.70
N TYR A 4 9.35 11.93 14.09
CA TYR A 4 9.87 10.65 14.53
C TYR A 4 9.47 10.40 15.99
N LYS A 5 8.65 9.39 16.20
CA LYS A 5 8.21 8.99 17.53
C LYS A 5 8.97 7.71 17.85
N SER A 6 9.86 7.80 18.85
CA SER A 6 10.80 6.76 19.26
C SER A 6 10.11 5.74 20.19
N ASN A 7 10.84 4.64 20.48
CA ASN A 7 10.38 3.63 21.44
C ASN A 7 11.59 2.89 22.03
N VAL A 8 12.38 3.59 22.86
CA VAL A 8 13.49 2.93 23.52
C VAL A 8 12.99 1.99 24.61
N ARG A 9 11.84 2.31 25.22
CA ARG A 9 11.24 1.42 26.21
C ARG A 9 11.08 0.02 25.66
N ASP A 10 10.62 -0.10 24.42
CA ASP A 10 10.41 -1.41 23.83
C ASP A 10 11.74 -2.07 23.47
N GLN A 11 12.70 -1.26 23.04
CA GLN A 11 14.03 -1.78 22.70
C GLN A 11 14.71 -2.40 23.92
N VAL A 12 14.69 -1.68 25.05
CA VAL A 12 15.35 -2.16 26.25
C VAL A 12 14.66 -3.41 26.78
N PHE A 13 13.33 -3.42 26.78
CA PHE A 13 12.61 -4.61 27.20
C PHE A 13 13.02 -5.83 26.39
N ASN A 14 13.17 -5.67 25.07
CA ASN A 14 13.61 -6.77 24.23
C ASN A 14 15.03 -7.18 24.59
N LEU A 15 15.94 -6.19 24.63
CA LEU A 15 17.36 -6.49 24.80
C LEU A 15 17.64 -7.11 26.16
N PHE A 16 16.95 -6.65 27.20
CA PHE A 16 17.27 -7.03 28.56
C PHE A 16 16.27 -8.01 29.15
N GLU A 17 14.98 -7.69 29.13
CA GLU A 17 14.01 -8.51 29.86
C GLU A 17 13.62 -9.79 29.11
N VAL A 18 13.89 -9.88 27.80
CA VAL A 18 13.43 -10.98 26.97
C VAL A 18 14.59 -11.81 26.42
N PHE A 19 15.56 -11.15 25.79
CA PHE A 19 16.68 -11.87 25.19
C PHE A 19 17.93 -11.89 26.08
N GLY A 20 17.97 -11.07 27.12
CA GLY A 20 19.08 -11.12 28.07
C GLY A 20 20.42 -10.76 27.48
N VAL A 21 20.46 -9.73 26.63
CA VAL A 21 21.73 -9.33 26.04
C VAL A 21 22.65 -8.72 27.09
N ASP A 22 22.08 -8.15 28.15
CA ASP A 22 22.91 -7.58 29.21
C ASP A 22 23.78 -8.64 29.87
N LYS A 23 23.46 -9.93 29.71
CA LYS A 23 24.26 -10.98 30.30
C LYS A 23 25.67 -11.07 29.71
N VAL A 24 25.94 -10.38 28.60
CA VAL A 24 27.29 -10.28 28.07
C VAL A 24 27.90 -8.91 28.34
N LEU A 25 27.11 -7.90 28.67
CA LEU A 25 27.63 -6.56 28.84
C LEU A 25 28.48 -6.50 30.11
N GLY A 26 29.66 -5.89 30.00
CA GLY A 26 30.58 -5.75 31.10
C GLY A 26 31.71 -6.75 31.09
N ALA A 27 31.76 -7.65 30.11
CA ALA A 27 32.75 -8.72 30.10
C ALA A 27 33.24 -9.00 28.68
N ASP A 28 34.48 -9.52 28.60
CA ASP A 28 35.05 -10.04 27.37
C ASP A 28 35.17 -8.91 26.34
N LYS A 29 34.70 -9.14 25.10
CA LYS A 29 34.85 -8.12 24.06
C LYS A 29 34.20 -6.79 24.46
N PHE A 30 33.06 -6.87 25.16
CA PHE A 30 32.34 -5.71 25.63
C PHE A 30 32.72 -5.33 27.06
N SER A 31 33.97 -5.63 27.43
CA SER A 31 34.53 -5.33 28.74
C SER A 31 34.12 -3.95 29.26
N ASP A 32 34.34 -2.91 28.47
CA ASP A 32 34.19 -1.53 28.92
C ASP A 32 32.84 -0.95 28.57
N LEU A 33 31.84 -1.79 28.35
CA LEU A 33 30.47 -1.34 28.06
C LEU A 33 29.53 -2.10 28.97
N ASP A 34 28.87 -1.39 29.88
CA ASP A 34 27.96 -2.01 30.84
C ASP A 34 26.52 -1.73 30.44
N ALA A 35 25.61 -2.34 31.19
CA ALA A 35 24.19 -2.24 30.84
C ALA A 35 23.70 -0.80 30.90
N ASP A 36 24.15 -0.03 31.90
CA ASP A 36 23.69 1.35 32.05
C ASP A 36 24.09 2.20 30.84
N THR A 37 25.37 2.14 30.46
CA THR A 37 25.83 2.90 29.32
C THR A 37 25.03 2.56 28.07
N ALA A 38 24.66 1.29 27.91
CA ALA A 38 23.90 0.89 26.74
C ALA A 38 22.56 1.62 26.69
N ARG A 39 21.84 1.65 27.83
CA ARG A 39 20.57 2.36 27.87
C ARG A 39 20.78 3.84 27.61
N GLU A 40 21.87 4.41 28.11
CA GLU A 40 22.14 5.83 27.88
C GLU A 40 22.44 6.08 26.41
N MET A 41 23.18 5.17 25.76
CA MET A 41 23.41 5.32 24.33
C MET A 41 22.10 5.25 23.56
N LEU A 42 21.26 4.27 23.89
CA LEU A 42 19.98 4.14 23.23
C LEU A 42 19.16 5.42 23.38
N THR A 43 19.15 5.98 24.59
CA THR A 43 18.40 7.21 24.82
C THR A 43 19.02 8.37 24.07
N GLU A 44 20.36 8.39 23.96
CA GLU A 44 21.03 9.51 23.30
C GLU A 44 20.73 9.55 21.81
N ILE A 45 20.94 8.44 21.11
CA ILE A 45 20.70 8.43 19.67
C ILE A 45 19.22 8.64 19.38
N ALA A 46 18.33 8.23 20.29
CA ALA A 46 16.91 8.46 20.09
C ALA A 46 16.59 9.96 20.14
N ARG A 47 17.28 10.70 21.01
CA ARG A 47 17.06 12.13 21.10
C ARG A 47 17.67 12.85 19.92
N LEU A 48 18.83 12.36 19.43
CA LEU A 48 19.43 12.90 18.22
C LEU A 48 18.56 12.61 17.01
N ALA A 49 17.97 11.42 16.96
CA ALA A 49 17.10 11.09 15.85
C ALA A 49 15.83 11.94 15.88
N GLU A 50 15.25 12.14 17.06
CA GLU A 50 14.02 12.92 17.15
C GLU A 50 14.26 14.40 16.88
N GLY A 51 15.49 14.88 17.06
CA GLY A 51 15.79 16.28 16.87
C GLY A 51 16.46 16.55 15.55
N PRO A 52 17.77 16.77 15.57
CA PRO A 52 18.47 17.20 14.36
C PRO A 52 18.33 16.27 13.16
N ILE A 53 18.09 14.97 13.37
CA ILE A 53 18.01 14.06 12.23
C ILE A 53 16.62 14.11 11.60
N ALA A 54 15.58 14.01 12.43
CA ALA A 54 14.21 14.14 11.93
C ALA A 54 13.90 15.56 11.43
N GLU A 55 14.74 16.53 11.79
CA GLU A 55 14.48 17.92 11.41
C GLU A 55 14.30 18.08 9.91
N SER A 56 15.06 17.30 9.12
CA SER A 56 15.10 17.48 7.67
C SER A 56 14.35 16.40 6.92
N PHE A 57 13.64 15.52 7.61
CA PHE A 57 12.79 14.52 6.98
C PHE A 57 11.90 15.13 5.91
N VAL A 58 11.15 16.18 6.25
CA VAL A 58 10.24 16.75 5.26
C VAL A 58 11.02 17.50 4.19
N GLU A 59 12.03 18.28 4.60
CA GLU A 59 12.78 19.06 3.60
C GLU A 59 13.37 18.16 2.51
N GLY A 60 14.04 17.08 2.91
CA GLY A 60 14.61 16.16 1.94
C GLY A 60 13.59 15.66 0.93
N ASP A 61 12.32 15.58 1.32
CA ASP A 61 11.31 15.14 0.38
C ASP A 61 10.81 16.29 -0.51
N ARG A 62 10.54 17.45 0.08
CA ARG A 62 9.93 18.53 -0.68
C ARG A 62 10.93 19.35 -1.46
N ASN A 63 12.23 19.23 -1.12
CA ASN A 63 13.29 20.01 -1.75
C ASN A 63 14.41 19.04 -2.14
N PRO A 64 14.15 18.16 -3.09
CA PRO A 64 14.99 16.95 -3.26
C PRO A 64 16.30 17.24 -3.96
N PRO A 65 17.23 16.28 -3.90
CA PRO A 65 18.55 16.47 -4.53
C PRO A 65 18.43 16.78 -6.02
N VAL A 66 19.45 17.47 -6.53
CA VAL A 66 19.49 17.92 -7.92
C VAL A 66 20.79 17.45 -8.55
N PHE A 67 20.69 17.01 -9.80
CA PHE A 67 21.85 16.61 -10.57
C PHE A 67 22.41 17.81 -11.34
N ASP A 68 23.71 18.05 -11.22
CA ASP A 68 24.35 19.10 -12.00
C ASP A 68 25.09 18.47 -13.17
N PRO A 69 24.56 18.53 -14.39
CA PRO A 69 25.30 18.00 -15.54
C PRO A 69 26.54 18.83 -15.88
N GLU A 70 26.64 20.07 -15.37
CA GLU A 70 27.83 20.89 -15.60
C GLU A 70 29.07 20.30 -14.93
N THR A 71 28.89 19.50 -13.88
CA THR A 71 30.03 19.04 -13.10
C THR A 71 29.93 17.55 -12.76
N HIS A 72 28.82 16.89 -13.11
CA HIS A 72 28.61 15.51 -12.75
C HIS A 72 28.65 15.33 -11.24
N THR A 73 27.95 16.23 -10.55
CA THR A 73 27.82 16.24 -9.09
C THR A 73 26.35 16.17 -8.72
N VAL A 74 26.10 15.95 -7.43
CA VAL A 74 24.78 16.08 -6.85
C VAL A 74 24.85 17.13 -5.76
N THR A 75 23.82 18.01 -5.76
CA THR A 75 23.55 18.96 -4.66
C THR A 75 22.49 18.34 -3.75
N LEU A 76 22.73 18.40 -2.44
CA LEU A 76 21.68 17.98 -1.49
C LEU A 76 21.16 19.19 -0.74
N PRO A 77 19.94 19.12 -0.18
CA PRO A 77 19.38 20.30 0.51
C PRO A 77 20.11 20.62 1.80
N GLU A 78 20.21 21.92 2.08
CA GLU A 78 21.04 22.39 3.19
C GLU A 78 20.66 21.71 4.49
N GLY A 79 19.35 21.67 4.78
CA GLY A 79 18.91 21.12 6.05
C GLY A 79 19.30 19.67 6.24
N PHE A 80 19.26 18.89 5.15
CA PHE A 80 19.68 17.50 5.23
C PHE A 80 21.18 17.39 5.53
N LYS A 81 22.00 18.22 4.89
CA LYS A 81 23.43 18.21 5.18
C LYS A 81 23.69 18.58 6.63
N LYS A 82 22.85 19.44 7.21
CA LYS A 82 22.99 19.78 8.62
C LYS A 82 22.72 18.58 9.52
N SER A 83 21.71 17.76 9.17
CA SER A 83 21.47 16.54 9.93
C SER A 83 22.61 15.56 9.77
N MET A 84 23.16 15.45 8.55
CA MET A 84 24.30 14.56 8.35
C MET A 84 25.45 14.94 9.28
N ARG A 85 25.70 16.24 9.43
CA ARG A 85 26.78 16.70 10.32
C ARG A 85 26.50 16.29 11.76
N ALA A 86 25.26 16.52 12.23
CA ALA A 86 24.91 16.16 13.60
C ALA A 86 25.23 14.71 13.88
N LEU A 87 25.11 13.86 12.88
CA LEU A 87 25.39 12.44 13.04
C LEU A 87 26.89 12.18 13.04
N PHE A 88 27.65 12.87 12.19
CA PHE A 88 29.09 12.75 12.21
C PHE A 88 29.66 13.25 13.54
N ASP A 89 29.20 14.42 13.99
CA ASP A 89 29.78 15.08 15.16
C ASP A 89 29.51 14.31 16.44
N GLY A 90 28.53 13.42 16.45
CA GLY A 90 28.35 12.51 17.56
C GLY A 90 29.10 11.22 17.43
N GLY A 91 29.74 11.00 16.28
CA GLY A 91 30.41 9.74 16.03
C GLY A 91 29.49 8.58 15.75
N TRP A 92 28.20 8.84 15.48
CA TRP A 92 27.22 7.79 15.21
C TRP A 92 27.43 7.14 13.84
N ASP A 93 28.52 7.50 13.18
CA ASP A 93 28.99 6.81 11.98
C ASP A 93 29.89 5.64 12.31
N LYS A 94 30.21 5.45 13.59
CA LYS A 94 31.14 4.44 14.06
C LYS A 94 30.44 3.43 14.96
N VAL A 95 29.20 3.08 14.59
CA VAL A 95 28.37 2.18 15.39
C VAL A 95 28.72 0.75 15.01
N GLY A 96 29.23 -0.01 15.97
CA GLY A 96 29.66 -1.37 15.69
C GLY A 96 30.89 -1.46 14.82
N LEU A 97 31.50 -0.33 14.50
CA LEU A 97 32.80 -0.33 13.85
C LEU A 97 33.82 -1.02 14.75
N ALA A 98 34.74 -1.75 14.14
CA ALA A 98 35.77 -2.44 14.90
C ALA A 98 36.59 -1.44 15.70
N GLU A 99 37.10 -1.89 16.86
CA GLU A 99 37.85 -1.00 17.73
C GLU A 99 39.07 -0.42 17.02
N HIS A 100 39.77 -1.25 16.24
CA HIS A 100 40.99 -0.80 15.57
C HIS A 100 40.73 0.20 14.46
N LEU A 101 39.47 0.53 14.21
CA LEU A 101 39.11 1.60 13.29
C LEU A 101 38.43 2.76 14.01
N GLY A 102 38.48 2.76 15.33
CA GLY A 102 37.91 3.83 16.12
C GLY A 102 36.50 3.59 16.62
N GLY A 103 35.95 2.39 16.43
CA GLY A 103 34.61 2.11 16.88
C GLY A 103 34.56 1.72 18.35
N ILE A 104 33.35 1.69 18.88
CA ILE A 104 33.10 1.22 20.25
C ILE A 104 32.55 -0.20 20.15
N PRO A 105 33.22 -1.19 20.74
CA PRO A 105 32.69 -2.57 20.69
C PRO A 105 31.32 -2.67 21.35
N MET A 106 30.45 -3.50 20.74
CA MET A 106 29.05 -3.59 21.12
C MET A 106 28.51 -4.92 20.65
N PRO A 107 27.51 -5.47 21.31
CA PRO A 107 26.73 -6.54 20.68
C PRO A 107 25.89 -5.95 19.55
N ARG A 108 25.78 -6.70 18.46
CA ARG A 108 25.09 -6.17 17.30
C ARG A 108 23.60 -6.04 17.54
N ALA A 109 23.06 -6.82 18.47
CA ALA A 109 21.70 -6.57 18.89
C ALA A 109 21.54 -5.14 19.39
N LEU A 110 22.52 -4.63 20.13
CA LEU A 110 22.50 -3.23 20.54
C LEU A 110 22.74 -2.32 19.34
N GLN A 111 23.71 -2.69 18.50
CA GLN A 111 24.07 -1.86 17.36
C GLN A 111 22.85 -1.56 16.48
N TRP A 112 22.10 -2.60 16.09
CA TRP A 112 20.97 -2.37 15.20
C TRP A 112 19.83 -1.64 15.89
N ALA A 113 19.72 -1.75 17.21
CA ALA A 113 18.73 -0.96 17.94
C ALA A 113 19.07 0.52 17.88
N LEU A 114 20.36 0.86 18.03
CA LEU A 114 20.80 2.23 17.80
C LEU A 114 20.49 2.67 16.38
N ILE A 115 20.79 1.79 15.42
CA ILE A 115 20.58 2.10 14.01
C ILE A 115 19.11 2.36 13.74
N GLU A 116 18.21 1.60 14.39
CA GLU A 116 16.79 1.73 14.11
C GLU A 116 16.34 3.18 14.18
N HIS A 117 16.87 3.93 15.16
CA HIS A 117 16.36 5.28 15.40
C HIS A 117 16.68 6.21 14.24
N ILE A 118 17.87 6.09 13.67
CA ILE A 118 18.19 6.89 12.49
C ILE A 118 17.26 6.52 11.35
N LEU A 119 17.04 5.22 11.14
CA LEU A 119 16.20 4.79 10.03
C LEU A 119 14.75 5.20 10.22
N GLY A 120 14.31 5.34 11.47
CA GLY A 120 12.98 5.86 11.71
C GLY A 120 12.87 7.36 11.53
N ALA A 121 13.98 8.08 11.68
CA ALA A 121 13.92 9.52 11.65
C ALA A 121 14.22 10.10 10.27
N ASN A 122 15.12 9.47 9.53
CA ASN A 122 15.58 9.98 8.25
C ASN A 122 16.45 8.91 7.62
N PRO A 123 15.85 7.85 7.08
CA PRO A 123 16.64 6.66 6.70
C PRO A 123 17.78 6.96 5.74
N ALA A 124 17.59 7.88 4.79
CA ALA A 124 18.67 8.19 3.87
C ALA A 124 19.89 8.72 4.61
N ALA A 125 19.67 9.37 5.76
CA ALA A 125 20.80 9.83 6.55
C ALA A 125 21.71 8.68 6.93
N TYR A 126 21.16 7.57 7.42
CA TYR A 126 21.99 6.45 7.79
C TYR A 126 22.68 5.83 6.57
N MET A 127 21.96 5.72 5.45
CA MET A 127 22.54 5.13 4.24
C MET A 127 23.77 5.89 3.79
N TYR A 128 23.67 7.23 3.71
CA TYR A 128 24.83 8.04 3.38
C TYR A 128 25.98 7.81 4.35
N ALA A 129 25.69 7.30 5.55
CA ALA A 129 26.67 7.18 6.62
C ALA A 129 27.19 5.76 6.80
N MET A 130 26.97 4.87 5.84
CA MET A 130 27.43 3.50 5.95
C MET A 130 28.85 3.30 5.43
N GLY A 131 29.52 4.38 5.03
CA GLY A 131 30.88 4.32 4.55
C GLY A 131 31.83 3.55 5.45
N PRO A 132 32.02 4.04 6.68
CA PRO A 132 32.91 3.34 7.62
C PRO A 132 32.68 1.83 7.74
N GLY A 133 31.43 1.40 7.89
CA GLY A 133 31.16 -0.02 8.00
C GLY A 133 31.44 -0.78 6.73
N MET A 134 31.35 -0.11 5.58
CA MET A 134 31.73 -0.73 4.32
C MET A 134 33.24 -0.68 4.14
N SER A 135 33.89 0.35 4.69
CA SER A 135 35.34 0.35 4.75
C SER A 135 35.85 -0.83 5.58
N GLU A 136 35.18 -1.13 6.69
CA GLU A 136 35.57 -2.30 7.49
C GLU A 136 35.43 -3.58 6.69
N ILE A 137 34.39 -3.68 5.86
CA ILE A 137 34.22 -4.87 5.02
C ILE A 137 35.37 -4.99 4.04
N PHE A 138 35.81 -3.85 3.49
CA PHE A 138 36.98 -3.84 2.62
C PHE A 138 38.22 -4.28 3.38
N TYR A 139 38.34 -3.86 4.64
CA TYR A 139 39.47 -4.28 5.46
C TYR A 139 39.51 -5.80 5.62
N ASN A 140 38.41 -6.41 6.06
CA ASN A 140 38.38 -7.85 6.27
C ASN A 140 38.72 -8.61 4.99
N ASN A 141 38.39 -8.05 3.84
CA ASN A 141 38.57 -8.73 2.57
C ASN A 141 39.81 -8.25 1.83
N GLY A 142 40.54 -7.28 2.38
CA GLY A 142 41.65 -6.70 1.67
C GLY A 142 43.00 -7.33 1.99
N THR A 143 43.96 -7.04 1.12
CA THR A 143 45.36 -7.35 1.40
C THR A 143 45.85 -6.47 2.54
N ASP A 144 46.99 -6.86 3.13
CA ASP A 144 47.57 -6.06 4.21
C ASP A 144 47.79 -4.62 3.75
N GLU A 145 48.19 -4.45 2.48
CA GLU A 145 48.38 -3.11 1.94
C GLU A 145 47.05 -2.37 1.86
N GLN A 146 46.02 -3.05 1.34
CA GLN A 146 44.70 -2.44 1.23
C GLN A 146 44.11 -2.14 2.61
N LYS A 147 44.45 -2.95 3.62
CA LYS A 147 43.97 -2.71 4.97
C LYS A 147 44.42 -1.34 5.49
N LYS A 148 45.56 -0.84 4.99
CA LYS A 148 45.95 0.52 5.32
C LYS A 148 45.02 1.53 4.67
N TRP A 149 44.69 1.33 3.39
CA TRP A 149 43.77 2.24 2.72
C TRP A 149 42.40 2.22 3.40
N ALA A 150 41.87 1.03 3.66
CA ALA A 150 40.57 0.91 4.30
C ALA A 150 40.55 1.63 5.64
N THR A 151 41.65 1.55 6.40
CA THR A 151 41.73 2.24 7.68
C THR A 151 41.58 3.75 7.49
N ILE A 152 42.30 4.30 6.51
CA ILE A 152 42.17 5.71 6.20
C ILE A 152 40.73 6.06 5.83
N ALA A 153 40.07 5.20 5.05
CA ALA A 153 38.70 5.45 4.60
C ALA A 153 37.73 5.49 5.76
N ALA A 154 37.97 4.66 6.79
CA ALA A 154 37.11 4.69 7.97
C ALA A 154 37.38 5.92 8.82
N GLU A 155 38.65 6.25 9.03
CA GLU A 155 38.98 7.31 9.98
C GLU A 155 38.62 8.69 9.41
N ARG A 156 38.85 8.90 8.11
CA ARG A 156 38.43 10.16 7.50
C ARG A 156 36.94 10.17 7.18
N GLY A 157 36.23 9.08 7.45
CA GLY A 157 34.78 9.04 7.25
C GLY A 157 34.30 9.16 5.82
N TRP A 158 35.06 8.61 4.87
CA TRP A 158 34.61 8.61 3.48
C TRP A 158 33.28 7.89 3.36
N GLY A 159 32.46 8.33 2.40
CA GLY A 159 31.27 7.59 2.04
C GLY A 159 31.60 6.37 1.22
N ALA A 160 30.58 5.59 0.89
CA ALA A 160 30.80 4.33 0.20
C ALA A 160 29.58 3.96 -0.65
N THR A 161 29.80 3.06 -1.61
CA THR A 161 28.69 2.59 -2.43
C THR A 161 28.81 1.09 -2.69
N MET A 162 27.67 0.43 -2.93
CA MET A 162 27.59 -0.95 -3.44
C MET A 162 27.29 -0.77 -4.91
N VAL A 163 28.06 -1.26 -5.82
CA VAL A 163 27.88 -1.04 -7.24
C VAL A 163 27.77 -2.41 -7.91
N LEU A 164 26.54 -2.91 -8.01
CA LEU A 164 26.25 -4.16 -8.71
C LEU A 164 25.38 -3.91 -9.93
N THR A 165 24.22 -3.31 -9.72
CA THR A 165 23.14 -3.26 -10.71
C THR A 165 23.55 -2.59 -12.02
N GLU A 166 23.11 -3.19 -13.13
CA GLU A 166 23.16 -2.64 -14.47
C GLU A 166 21.77 -2.68 -15.06
N PRO A 167 21.56 -2.02 -16.22
CA PRO A 167 20.20 -2.05 -16.82
C PRO A 167 19.68 -3.46 -17.09
N ASP A 168 20.55 -4.37 -17.52
CA ASP A 168 20.15 -5.73 -17.85
C ASP A 168 20.54 -6.73 -16.78
N ALA A 169 20.91 -6.27 -15.58
CA ALA A 169 21.37 -7.17 -14.51
C ALA A 169 20.94 -6.57 -13.16
N GLY A 170 19.78 -7.02 -12.68
CA GLY A 170 19.27 -6.58 -11.41
C GLY A 170 19.20 -7.71 -10.43
N SER A 171 18.18 -8.54 -10.51
CA SER A 171 18.21 -9.74 -9.69
C SER A 171 19.20 -10.75 -10.26
N ASP A 172 19.34 -10.77 -11.58
CA ASP A 172 20.38 -11.61 -12.19
C ASP A 172 21.68 -10.82 -12.26
N VAL A 173 22.30 -10.65 -11.09
CA VAL A 173 23.57 -9.92 -10.99
C VAL A 173 24.58 -10.50 -11.97
N GLY A 174 24.53 -11.82 -12.18
CA GLY A 174 25.50 -12.49 -13.03
C GLY A 174 25.44 -12.10 -14.50
N ALA A 175 24.35 -11.46 -14.92
CA ALA A 175 24.21 -11.03 -16.31
C ALA A 175 24.93 -9.73 -16.61
N GLY A 176 25.64 -9.15 -15.65
CA GLY A 176 26.28 -7.86 -15.88
C GLY A 176 27.42 -7.95 -16.87
N ARG A 177 27.56 -6.91 -17.70
CA ARG A 177 28.57 -6.86 -18.75
C ARG A 177 29.72 -5.90 -18.45
N THR A 178 29.71 -5.20 -17.31
CA THR A 178 30.81 -4.30 -16.98
C THR A 178 32.11 -5.09 -16.87
N LYS A 179 33.15 -4.63 -17.55
CA LYS A 179 34.39 -5.38 -17.66
C LYS A 179 35.54 -4.68 -16.93
N ALA A 180 36.54 -5.47 -16.58
CA ALA A 180 37.75 -5.01 -15.92
C ALA A 180 38.94 -5.44 -16.75
N VAL A 181 39.84 -4.49 -17.03
CA VAL A 181 40.99 -4.73 -17.89
C VAL A 181 42.26 -4.47 -17.08
N GLN A 182 43.06 -5.52 -16.89
CA GLN A 182 44.25 -5.41 -16.05
C GLN A 182 45.35 -4.63 -16.77
N GLN A 183 46.05 -3.82 -16.00
CA GLN A 183 47.10 -2.95 -16.49
C GLN A 183 48.47 -3.48 -16.10
N PRO A 184 49.54 -2.99 -16.74
CA PRO A 184 50.90 -3.44 -16.36
C PRO A 184 51.26 -3.22 -14.90
N ASP A 185 50.86 -2.10 -14.29
CA ASP A 185 51.21 -1.85 -12.88
C ASP A 185 50.30 -2.62 -11.90
N GLY A 186 49.45 -3.51 -12.38
CA GLY A 186 48.61 -4.30 -11.50
C GLY A 186 47.25 -3.71 -11.19
N THR A 187 47.01 -2.43 -11.50
CA THR A 187 45.67 -1.90 -11.33
C THR A 187 44.79 -2.38 -12.49
N TRP A 188 43.50 -2.08 -12.39
CA TRP A 188 42.54 -2.45 -13.40
C TRP A 188 41.82 -1.20 -13.90
N HIS A 189 41.44 -1.21 -15.16
CA HIS A 189 40.57 -0.18 -15.71
C HIS A 189 39.16 -0.76 -15.82
N ILE A 190 38.22 -0.16 -15.12
CA ILE A 190 36.83 -0.59 -15.15
C ILE A 190 36.10 0.16 -16.25
N GLU A 191 35.32 -0.56 -17.03
CA GLU A 191 34.57 0.05 -18.13
C GLU A 191 33.16 -0.49 -18.11
N GLY A 192 32.19 0.39 -17.91
CA GLY A 192 30.80 -0.03 -17.90
C GLY A 192 29.89 1.04 -17.34
N VAL A 193 28.60 0.76 -17.40
CA VAL A 193 27.58 1.65 -16.89
C VAL A 193 26.70 0.90 -15.90
N LYS A 194 26.69 1.36 -14.65
CA LYS A 194 25.88 0.78 -13.58
C LYS A 194 24.71 1.70 -13.30
N ARG A 195 23.61 1.11 -12.81
CA ARG A 195 22.36 1.83 -12.63
C ARG A 195 21.87 1.71 -11.20
N PHE A 196 21.11 2.72 -10.76
CA PHE A 196 20.40 2.67 -9.49
C PHE A 196 21.35 2.63 -8.29
N ILE A 197 22.45 3.36 -8.33
CA ILE A 197 23.43 3.26 -7.27
C ILE A 197 23.15 4.33 -6.22
N THR A 198 22.87 3.85 -5.00
CA THR A 198 22.57 4.71 -3.87
C THR A 198 23.81 5.43 -3.39
N SER A 199 23.67 6.74 -3.15
CA SER A 199 24.74 7.57 -2.61
C SER A 199 25.89 7.77 -3.60
N ALA A 200 25.68 7.50 -4.89
CA ALA A 200 26.80 7.49 -5.82
C ALA A 200 27.52 8.85 -5.84
N ASP A 201 26.80 9.94 -5.59
CA ASP A 201 27.42 11.20 -5.21
C ASP A 201 26.66 11.78 -4.02
N SER A 202 27.33 12.67 -3.30
CA SER A 202 26.83 13.13 -2.01
C SER A 202 27.19 14.59 -1.78
N ASP A 203 27.27 15.38 -2.85
CA ASP A 203 27.72 16.76 -2.76
C ASP A 203 29.00 16.83 -1.93
N ASP A 204 29.13 17.83 -1.07
CA ASP A 204 30.34 17.98 -0.25
C ASP A 204 30.19 17.38 1.13
N LEU A 205 29.50 16.25 1.26
CA LEU A 205 29.40 15.58 2.56
C LEU A 205 30.74 15.00 2.98
N PHE A 206 31.50 14.45 2.03
CA PHE A 206 32.76 13.78 2.31
C PHE A 206 33.84 14.30 1.40
N GLU A 207 35.08 13.99 1.76
CA GLU A 207 36.22 14.35 0.93
C GLU A 207 36.51 13.31 -0.14
N ASN A 208 36.01 12.07 0.03
CA ASN A 208 36.17 11.03 -0.98
C ASN A 208 35.06 10.02 -0.77
N ILE A 209 34.81 9.21 -1.80
CA ILE A 209 33.87 8.10 -1.72
C ILE A 209 34.60 6.84 -2.18
N MET A 210 34.33 5.73 -1.52
CA MET A 210 34.80 4.42 -1.95
C MET A 210 33.66 3.72 -2.69
N HIS A 211 33.86 3.41 -3.96
CA HIS A 211 32.91 2.61 -4.72
C HIS A 211 33.39 1.16 -4.69
N LEU A 212 32.55 0.26 -4.18
CA LEU A 212 32.81 -1.18 -4.27
C LEU A 212 32.06 -1.69 -5.50
N VAL A 213 32.80 -1.95 -6.57
CA VAL A 213 32.24 -2.17 -7.90
C VAL A 213 32.49 -3.61 -8.34
N LEU A 214 31.44 -4.27 -8.80
CA LEU A 214 31.54 -5.61 -9.37
C LEU A 214 31.81 -5.50 -10.87
N ALA A 215 32.75 -6.30 -11.35
CA ALA A 215 33.08 -6.29 -12.77
C ALA A 215 33.63 -7.65 -13.18
N ARG A 216 33.56 -7.92 -14.48
CA ARG A 216 34.00 -9.21 -15.02
C ARG A 216 35.34 -9.06 -15.70
N PRO A 217 36.41 -9.63 -15.15
CA PRO A 217 37.72 -9.54 -15.82
C PRO A 217 37.68 -10.11 -17.22
N GLU A 218 38.45 -9.50 -18.13
CA GLU A 218 38.63 -10.03 -19.48
C GLU A 218 39.01 -11.50 -19.45
N GLY A 219 38.18 -12.33 -20.07
CA GLY A 219 38.43 -13.75 -20.12
C GLY A 219 37.88 -14.54 -18.95
N ALA A 220 37.16 -13.88 -18.05
CA ALA A 220 36.56 -14.59 -16.93
C ALA A 220 35.33 -15.34 -17.40
N GLY A 221 34.89 -16.29 -16.57
CA GLY A 221 33.76 -17.10 -16.89
C GLY A 221 32.46 -16.30 -16.82
N PRO A 222 31.35 -17.00 -17.04
CA PRO A 222 30.04 -16.34 -16.98
C PRO A 222 29.45 -16.31 -15.58
N GLY A 223 28.25 -15.76 -15.45
CA GLY A 223 27.52 -15.82 -14.20
C GLY A 223 28.13 -15.01 -13.07
N THR A 224 27.55 -15.23 -11.87
CA THR A 224 28.05 -14.52 -10.70
C THR A 224 29.50 -14.88 -10.41
N LYS A 225 29.89 -16.14 -10.63
CA LYS A 225 31.20 -16.57 -10.15
C LYS A 225 32.33 -16.17 -11.07
N GLY A 226 32.03 -15.65 -12.25
CA GLY A 226 33.04 -14.98 -13.04
C GLY A 226 33.36 -13.58 -12.58
N LEU A 227 32.59 -13.05 -11.62
CA LEU A 227 32.71 -11.65 -11.22
C LEU A 227 33.75 -11.45 -10.14
N SER A 228 34.43 -10.31 -10.20
CA SER A 228 35.42 -9.88 -9.22
C SER A 228 35.02 -8.53 -8.64
N LEU A 229 35.48 -8.26 -7.42
CA LEU A 229 35.13 -7.04 -6.70
C LEU A 229 36.32 -6.07 -6.70
N PHE A 230 36.04 -4.80 -6.98
CA PHE A 230 37.09 -3.80 -7.13
C PHE A 230 36.85 -2.62 -6.20
N PHE A 231 37.95 -2.07 -5.70
CA PHE A 231 37.92 -0.84 -4.90
C PHE A 231 38.18 0.33 -5.86
N VAL A 232 37.16 1.13 -6.10
CA VAL A 232 37.23 2.22 -7.06
C VAL A 232 36.88 3.51 -6.34
N PRO A 233 37.87 4.36 -6.03
CA PRO A 233 37.58 5.58 -5.29
C PRO A 233 37.22 6.75 -6.19
N LYS A 234 36.39 7.64 -5.65
CA LYS A 234 36.02 8.84 -6.40
C LYS A 234 37.25 9.68 -6.73
N PHE A 235 38.19 9.78 -5.80
CA PHE A 235 39.45 10.48 -5.99
C PHE A 235 40.60 9.52 -5.77
N HIS A 236 41.68 9.68 -6.54
CA HIS A 236 42.94 9.06 -6.20
C HIS A 236 43.45 9.66 -4.88
N PHE A 237 44.34 8.92 -4.21
CA PHE A 237 44.86 9.41 -2.94
C PHE A 237 46.19 8.73 -2.65
N ASP A 238 46.97 9.38 -1.78
CA ASP A 238 48.23 8.82 -1.30
C ASP A 238 47.95 7.64 -0.38
N HIS A 239 48.51 6.48 -0.73
CA HIS A 239 48.22 5.25 -0.01
C HIS A 239 48.86 5.17 1.36
N GLU A 240 49.65 6.17 1.75
CA GLU A 240 50.20 6.26 3.09
C GLU A 240 49.52 7.37 3.89
N THR A 241 49.56 8.60 3.37
CA THR A 241 49.12 9.77 4.10
C THR A 241 47.61 9.95 4.04
N GLY A 242 46.97 9.53 2.96
CA GLY A 242 45.57 9.77 2.75
C GLY A 242 45.26 11.03 1.96
N GLU A 243 46.27 11.84 1.65
CA GLU A 243 46.03 13.10 0.94
C GLU A 243 45.27 12.85 -0.36
N ILE A 244 44.18 13.60 -0.54
CA ILE A 244 43.31 13.41 -1.69
C ILE A 244 43.98 14.00 -2.93
N GLY A 245 43.97 13.23 -4.02
CA GLY A 245 44.59 13.66 -5.25
C GLY A 245 43.67 13.79 -6.45
N GLU A 246 44.12 13.28 -7.59
CA GLU A 246 43.45 13.52 -8.85
C GLU A 246 42.08 12.82 -8.89
N ARG A 247 41.16 13.40 -9.64
CA ARG A 247 39.85 12.78 -9.84
C ARG A 247 40.01 11.48 -10.62
N ASN A 248 39.30 10.45 -10.16
CA ASN A 248 39.23 9.15 -10.82
C ASN A 248 38.04 9.10 -11.78
N GLY A 249 38.13 8.22 -12.78
CA GLY A 249 37.18 8.22 -13.87
C GLY A 249 35.85 7.53 -13.63
N VAL A 250 35.17 7.90 -12.55
CA VAL A 250 33.89 7.29 -12.18
C VAL A 250 32.94 8.44 -11.86
N PHE A 251 31.94 8.63 -12.73
CA PHE A 251 31.08 9.81 -12.67
C PHE A 251 29.61 9.43 -12.68
N VAL A 252 28.82 10.18 -11.91
CA VAL A 252 27.37 10.11 -11.96
C VAL A 252 26.86 10.86 -13.18
N THR A 253 25.90 10.26 -13.89
CA THR A 253 25.40 10.83 -15.14
C THR A 253 23.91 11.17 -15.12
N ASN A 254 23.26 11.05 -13.96
CA ASN A 254 21.79 11.07 -13.89
C ASN A 254 21.33 10.81 -12.46
N VAL A 255 20.20 11.37 -12.07
CA VAL A 255 19.65 11.14 -10.73
C VAL A 255 18.17 10.82 -10.85
N GLU A 256 17.78 9.63 -10.42
CA GLU A 256 16.43 9.15 -10.63
C GLU A 256 15.41 10.00 -9.87
N HIS A 257 14.20 10.04 -10.40
CA HIS A 257 13.06 10.65 -9.74
C HIS A 257 12.17 9.53 -9.21
N LYS A 258 12.07 9.44 -7.89
CA LYS A 258 11.47 8.29 -7.22
C LYS A 258 10.18 8.68 -6.51
N MET A 259 9.41 7.64 -6.16
CA MET A 259 8.17 7.82 -5.41
C MET A 259 8.45 8.35 -4.01
N GLY A 260 9.53 7.89 -3.41
CA GLY A 260 9.93 8.30 -2.09
C GLY A 260 11.41 8.14 -1.89
N LEU A 261 11.87 8.21 -0.64
CA LEU A 261 13.29 8.16 -0.33
C LEU A 261 14.06 9.11 -1.25
N LYS A 262 13.52 10.32 -1.38
CA LYS A 262 13.98 11.24 -2.42
C LYS A 262 15.37 11.79 -2.13
N VAL A 263 15.67 12.12 -0.86
CA VAL A 263 16.96 12.73 -0.55
C VAL A 263 18.10 11.74 -0.69
N SER A 264 17.79 10.46 -0.94
CA SER A 264 18.79 9.44 -1.27
C SER A 264 19.04 9.53 -2.77
N ALA A 265 20.14 10.16 -3.15
CA ALA A 265 20.49 10.23 -4.57
C ALA A 265 20.70 8.82 -5.11
N THR A 266 19.91 8.46 -6.13
CA THR A 266 20.03 7.16 -6.79
C THR A 266 20.45 7.41 -8.24
N CYS A 267 21.68 6.97 -8.59
CA CYS A 267 22.35 7.50 -9.77
C CYS A 267 22.81 6.41 -10.74
N GLU A 268 22.82 6.78 -12.02
CA GLU A 268 23.59 6.03 -13.02
C GLU A 268 25.07 6.32 -12.80
N LEU A 269 25.87 5.26 -12.66
CA LEU A 269 27.29 5.38 -12.38
C LEU A 269 28.04 4.88 -13.60
N SER A 270 28.76 5.78 -14.26
CA SER A 270 29.45 5.46 -15.50
C SER A 270 30.94 5.36 -15.20
N LEU A 271 31.56 4.26 -15.64
CA LEU A 271 32.96 3.99 -15.34
C LEU A 271 33.76 4.02 -16.64
N GLY A 272 34.63 5.01 -16.78
CA GLY A 272 35.52 5.10 -17.92
C GLY A 272 34.98 5.76 -19.16
N GLN A 273 33.77 6.31 -19.13
CA GLN A 273 33.16 6.82 -20.35
C GLN A 273 33.33 8.33 -20.53
N HIS A 274 34.16 8.98 -19.69
CA HIS A 274 34.33 10.43 -19.71
C HIS A 274 35.77 10.85 -19.90
N GLY A 275 36.59 10.03 -20.56
CA GLY A 275 37.91 10.46 -20.96
C GLY A 275 39.05 10.19 -19.99
N ILE A 276 38.76 9.80 -18.75
CA ILE A 276 39.83 9.29 -17.88
C ILE A 276 39.44 7.88 -17.45
N PRO A 277 40.40 6.99 -17.25
CA PRO A 277 40.06 5.64 -16.77
C PRO A 277 39.56 5.64 -15.33
N ALA A 278 38.65 4.72 -15.06
CA ALA A 278 38.25 4.41 -13.68
C ALA A 278 39.18 3.33 -13.16
N VAL A 279 40.19 3.72 -12.40
CA VAL A 279 41.14 2.74 -11.88
C VAL A 279 40.53 2.07 -10.66
N GLY A 280 40.63 0.74 -10.61
CA GLY A 280 40.20 -0.01 -9.47
C GLY A 280 41.26 -1.02 -9.07
N TRP A 281 41.18 -1.44 -7.81
CA TRP A 281 42.12 -2.39 -7.23
C TRP A 281 41.34 -3.64 -6.85
N LEU A 282 41.88 -4.81 -7.18
CA LEU A 282 41.13 -6.02 -6.90
C LEU A 282 41.18 -6.32 -5.41
N VAL A 283 40.00 -6.42 -4.80
CA VAL A 283 39.87 -6.61 -3.37
C VAL A 283 40.51 -7.93 -2.95
N GLY A 284 41.46 -7.86 -2.02
CA GLY A 284 42.19 -9.04 -1.60
C GLY A 284 43.05 -9.69 -2.67
N GLU A 285 43.20 -9.05 -3.83
CA GLU A 285 44.00 -9.58 -4.93
C GLU A 285 43.64 -11.02 -5.25
N VAL A 286 42.35 -11.34 -5.13
CA VAL A 286 41.80 -12.63 -5.51
C VAL A 286 40.48 -12.39 -6.24
N HIS A 287 40.10 -13.36 -7.08
CA HIS A 287 38.87 -13.27 -7.88
C HIS A 287 37.75 -14.00 -7.16
N ASN A 288 36.88 -13.24 -6.50
CA ASN A 288 35.92 -13.80 -5.54
C ASN A 288 34.80 -12.78 -5.28
N GLY A 289 34.35 -12.11 -6.35
CA GLY A 289 33.45 -10.98 -6.25
C GLY A 289 32.14 -11.21 -5.51
N ILE A 290 31.32 -12.14 -5.97
CA ILE A 290 29.98 -12.28 -5.39
C ILE A 290 30.05 -12.77 -3.95
N ALA A 291 31.02 -13.61 -3.60
CA ALA A 291 31.20 -13.96 -2.20
C ALA A 291 31.62 -12.75 -1.38
N GLN A 292 32.56 -11.95 -1.90
CA GLN A 292 33.01 -10.76 -1.18
C GLN A 292 31.89 -9.74 -1.05
N MET A 293 31.22 -9.44 -2.17
CA MET A 293 30.14 -8.46 -2.18
C MET A 293 29.02 -8.83 -1.21
N PHE A 294 28.83 -10.12 -0.94
CA PHE A 294 27.68 -10.51 -0.13
C PHE A 294 27.87 -10.17 1.34
N ASP A 295 29.11 -10.03 1.81
CA ASP A 295 29.31 -9.46 3.14
C ASP A 295 28.59 -8.13 3.25
N VAL A 296 28.55 -7.37 2.15
CA VAL A 296 27.87 -6.08 2.13
C VAL A 296 26.37 -6.27 1.87
N ILE A 297 26.01 -7.16 0.95
CA ILE A 297 24.60 -7.42 0.71
C ILE A 297 23.92 -7.85 2.00
N GLU A 298 24.59 -8.69 2.79
CA GLU A 298 24.00 -9.16 4.03
C GLU A 298 23.71 -8.00 4.97
N GLN A 299 24.66 -7.05 5.08
CA GLN A 299 24.42 -5.86 5.89
C GLN A 299 23.25 -5.06 5.33
N ALA A 300 23.24 -4.86 4.01
CA ALA A 300 22.18 -4.07 3.37
C ALA A 300 20.81 -4.69 3.60
N ARG A 301 20.71 -6.02 3.53
CA ARG A 301 19.43 -6.67 3.74
C ARG A 301 18.96 -6.51 5.18
N MET A 302 19.88 -6.59 6.14
CA MET A 302 19.52 -6.32 7.53
C MET A 302 19.06 -4.89 7.71
N MET A 303 19.73 -3.93 7.05
CA MET A 303 19.36 -2.52 7.16
C MET A 303 17.96 -2.28 6.63
N VAL A 304 17.67 -2.79 5.43
CA VAL A 304 16.39 -2.53 4.76
C VAL A 304 15.23 -3.07 5.58
N GLY A 305 15.38 -4.26 6.15
CA GLY A 305 14.31 -4.79 6.99
C GLY A 305 14.11 -3.95 8.24
N THR A 306 15.21 -3.59 8.90
CA THR A 306 15.11 -2.78 10.10
C THR A 306 14.51 -1.42 9.79
N LYS A 307 14.87 -0.85 8.65
CA LYS A 307 14.27 0.39 8.17
C LYS A 307 12.76 0.26 8.06
N ALA A 308 12.30 -0.78 7.36
CA ALA A 308 10.86 -1.01 7.24
C ALA A 308 10.22 -1.05 8.62
N ILE A 309 10.80 -1.85 9.52
CA ILE A 309 10.27 -1.99 10.88
C ILE A 309 10.37 -0.67 11.64
N ALA A 310 11.48 0.04 11.50
CA ALA A 310 11.62 1.35 12.09
C ALA A 310 10.49 2.28 11.67
N THR A 311 10.12 2.24 10.38
CA THR A 311 9.13 3.16 9.84
C THR A 311 7.71 2.76 10.22
N LEU A 312 7.43 1.45 10.32
CA LEU A 312 6.10 1.05 10.81
C LEU A 312 5.91 1.47 12.25
N SER A 313 6.99 1.47 13.04
CA SER A 313 6.86 1.81 14.45
C SER A 313 6.39 3.26 14.63
N THR A 314 7.11 4.22 14.05
CA THR A 314 6.70 5.62 14.18
C THR A 314 5.41 5.91 13.40
N GLY A 315 5.09 5.09 12.40
CA GLY A 315 3.80 5.19 11.77
C GLY A 315 2.71 4.93 12.81
N TYR A 316 2.80 3.76 13.46
CA TYR A 316 1.83 3.40 14.48
C TYR A 316 1.71 4.47 15.55
N LEU A 317 2.86 4.92 16.06
CA LEU A 317 2.83 5.83 17.20
C LEU A 317 2.24 7.18 16.82
N ASN A 318 2.49 7.64 15.60
CA ASN A 318 1.81 8.83 15.11
C ASN A 318 0.31 8.61 15.06
N ALA A 319 -0.12 7.46 14.55
CA ALA A 319 -1.54 7.14 14.47
C ALA A 319 -2.18 7.10 15.85
N LEU A 320 -1.48 6.48 16.82
CA LEU A 320 -2.00 6.39 18.18
C LEU A 320 -2.23 7.76 18.76
N GLU A 321 -1.22 8.63 18.71
CA GLU A 321 -1.34 9.98 19.26
C GLU A 321 -2.55 10.68 18.66
N TYR A 322 -2.73 10.55 17.34
CA TYR A 322 -3.88 11.17 16.68
C TYR A 322 -5.20 10.58 17.18
N ALA A 323 -5.29 9.26 17.21
CA ALA A 323 -6.53 8.60 17.63
C ALA A 323 -6.93 9.04 19.03
N LYS A 324 -5.94 9.18 19.92
CA LYS A 324 -6.21 9.53 21.30
C LYS A 324 -6.84 10.92 21.43
N GLU A 325 -6.64 11.77 20.44
CA GLU A 325 -7.02 13.16 20.56
C GLU A 325 -8.18 13.56 19.68
N ARG A 326 -8.67 12.67 18.83
CA ARG A 326 -9.64 13.04 17.80
C ARG A 326 -11.04 12.61 18.24
N VAL A 327 -11.92 13.59 18.36
CA VAL A 327 -13.30 13.32 18.75
C VAL A 327 -14.13 13.10 17.49
N GLN A 328 -14.87 12.00 17.45
CA GLN A 328 -15.74 11.72 16.32
C GLN A 328 -16.71 10.60 16.64
N GLY A 329 -17.98 10.95 16.81
CA GLY A 329 -19.04 9.97 16.93
C GLY A 329 -19.37 9.59 18.36
N ALA A 330 -20.45 8.83 18.49
CA ALA A 330 -20.86 8.24 19.76
C ALA A 330 -20.28 6.84 19.91
N ASP A 331 -20.20 6.40 21.16
CA ASP A 331 -19.84 5.01 21.46
C ASP A 331 -20.82 4.08 20.77
N MET A 332 -20.33 2.93 20.28
CA MET A 332 -21.22 2.02 19.56
C MET A 332 -22.35 1.52 20.44
N THR A 333 -22.17 1.49 21.77
CA THR A 333 -23.24 1.10 22.68
C THR A 333 -24.38 2.11 22.70
N GLN A 334 -24.19 3.28 22.08
CA GLN A 334 -25.17 4.36 22.06
C GLN A 334 -25.42 4.82 20.63
N MET A 335 -25.24 3.90 19.67
CA MET A 335 -25.30 4.21 18.24
C MET A 335 -26.60 4.92 17.87
N THR A 336 -27.75 4.41 18.33
CA THR A 336 -29.03 4.97 17.89
C THR A 336 -29.34 6.31 18.56
N ASP A 337 -28.76 6.57 19.72
CA ASP A 337 -28.96 7.84 20.41
C ASP A 337 -28.18 8.94 19.69
N LYS A 338 -28.90 9.87 19.07
CA LYS A 338 -28.25 10.94 18.31
C LYS A 338 -27.90 12.13 19.18
N THR A 339 -28.13 12.03 20.48
CA THR A 339 -27.72 13.03 21.46
C THR A 339 -26.56 12.55 22.31
N ALA A 340 -26.10 11.32 22.09
CA ALA A 340 -25.15 10.70 23.00
C ALA A 340 -23.81 11.44 22.95
N PRO A 341 -23.06 11.39 24.04
CA PRO A 341 -21.78 12.13 24.07
C PRO A 341 -20.81 11.64 22.99
N ARG A 342 -20.22 12.59 22.27
CA ARG A 342 -19.17 12.26 21.33
C ARG A 342 -17.97 11.65 22.05
N VAL A 343 -17.22 10.81 21.32
CA VAL A 343 -16.11 10.04 21.89
C VAL A 343 -14.85 10.25 21.04
N THR A 344 -13.71 9.94 21.66
CA THR A 344 -12.46 9.85 20.91
C THR A 344 -12.43 8.52 20.17
N ILE A 345 -11.79 8.51 19.00
CA ILE A 345 -11.93 7.36 18.11
C ILE A 345 -11.30 6.09 18.64
N THR A 346 -10.45 6.17 19.68
CA THR A 346 -9.97 4.96 20.31
C THR A 346 -11.09 4.16 20.97
N HIS A 347 -12.27 4.75 21.12
CA HIS A 347 -13.41 3.99 21.61
C HIS A 347 -14.08 3.18 20.53
N HIS A 348 -13.75 3.42 19.26
CA HIS A 348 -14.40 2.72 18.15
C HIS A 348 -13.68 1.40 17.88
N PRO A 349 -14.41 0.27 17.81
CA PRO A 349 -13.72 -1.02 17.70
C PRO A 349 -12.87 -1.18 16.46
N ASP A 350 -13.33 -0.68 15.30
CA ASP A 350 -12.48 -0.80 14.12
C ASP A 350 -11.19 0.00 14.27
N VAL A 351 -11.25 1.11 15.02
CA VAL A 351 -10.03 1.86 15.31
C VAL A 351 -9.14 1.06 16.23
N ARG A 352 -9.73 0.44 17.26
CA ARG A 352 -8.93 -0.33 18.20
C ARG A 352 -8.38 -1.59 17.54
N ARG A 353 -9.18 -2.24 16.68
CA ARG A 353 -8.65 -3.35 15.90
C ARG A 353 -7.44 -2.91 15.08
N SER A 354 -7.49 -1.72 14.48
CA SER A 354 -6.41 -1.31 13.59
C SER A 354 -5.20 -0.80 14.37
N LEU A 355 -5.40 -0.26 15.57
CA LEU A 355 -4.25 0.07 16.41
C LEU A 355 -3.59 -1.20 16.93
N MET A 356 -4.39 -2.15 17.42
CA MET A 356 -3.83 -3.39 17.92
C MET A 356 -3.11 -4.16 16.81
N THR A 357 -3.58 -4.03 15.57
CA THR A 357 -2.91 -4.65 14.44
C THR A 357 -1.55 -4.00 14.17
N GLN A 358 -1.52 -2.67 14.10
CA GLN A 358 -0.25 -1.97 13.95
C GLN A 358 0.69 -2.27 15.11
N LYS A 359 0.17 -2.23 16.33
CA LYS A 359 1.02 -2.47 17.49
C LYS A 359 1.63 -3.86 17.46
N ALA A 360 0.77 -4.89 17.34
CA ALA A 360 1.24 -6.26 17.38
C ALA A 360 2.29 -6.53 16.32
N TYR A 361 2.10 -6.00 15.10
CA TYR A 361 3.07 -6.26 14.05
C TYR A 361 4.33 -5.41 14.20
N ALA A 362 4.18 -4.14 14.58
CA ALA A 362 5.34 -3.31 14.84
C ALA A 362 6.24 -3.96 15.91
N GLU A 363 5.67 -4.19 17.10
CA GLU A 363 6.47 -4.78 18.18
C GLU A 363 6.89 -6.21 17.83
N GLY A 364 6.01 -6.97 17.19
CA GLY A 364 6.39 -8.29 16.73
C GLY A 364 7.59 -8.24 15.81
N LEU A 365 7.64 -7.22 14.95
CA LEU A 365 8.74 -7.10 14.02
C LEU A 365 10.02 -6.64 14.73
N ARG A 366 9.88 -5.73 15.69
CA ARG A 366 11.06 -5.29 16.40
C ARG A 366 11.72 -6.47 17.10
N ALA A 367 10.92 -7.40 17.64
CA ALA A 367 11.49 -8.56 18.30
C ALA A 367 12.27 -9.42 17.31
N ILE A 368 11.73 -9.61 16.11
CA ILE A 368 12.39 -10.46 15.11
C ILE A 368 13.77 -9.93 14.78
N TYR A 369 13.92 -8.67 14.36
CA TYR A 369 15.23 -8.10 13.96
C TYR A 369 16.20 -8.17 15.15
N LEU A 370 15.76 -7.90 16.37
CA LEU A 370 16.66 -8.03 17.53
C LEU A 370 16.99 -9.50 17.81
N TYR A 371 15.99 -10.38 17.74
CA TYR A 371 16.25 -11.81 17.81
C TYR A 371 17.25 -12.25 16.75
N THR A 372 17.02 -11.83 15.50
CA THR A 372 17.96 -12.14 14.43
C THR A 372 19.35 -11.67 14.80
N ALA A 373 19.44 -10.47 15.38
CA ALA A 373 20.73 -9.88 15.68
C ALA A 373 21.46 -10.60 16.81
N THR A 374 20.74 -11.34 17.65
CA THR A 374 21.41 -12.09 18.71
C THR A 374 22.12 -13.32 18.19
N PHE A 375 22.09 -13.59 16.88
CA PHE A 375 22.86 -14.66 16.29
C PHE A 375 24.00 -14.15 15.41
N GLN A 376 24.29 -12.85 15.46
CA GLN A 376 25.34 -12.25 14.65
C GLN A 376 26.66 -12.12 15.39
N ASP A 377 26.68 -12.20 16.71
CA ASP A 377 27.91 -12.32 17.49
C ASP A 377 28.00 -13.73 18.05
N ALA A 378 29.12 -14.41 17.78
CA ALA A 378 29.30 -15.76 18.34
C ALA A 378 29.16 -15.74 19.85
N GLU A 379 29.67 -14.68 20.50
CA GLU A 379 29.67 -14.59 21.95
C GLU A 379 28.26 -14.40 22.50
N VAL A 380 27.45 -13.60 21.83
CA VAL A 380 26.08 -13.38 22.29
C VAL A 380 25.24 -14.63 22.06
N ALA A 381 25.40 -15.25 20.89
CA ALA A 381 24.64 -16.46 20.61
C ALA A 381 24.95 -17.53 21.64
N GLN A 382 26.23 -17.70 21.98
CA GLN A 382 26.58 -18.66 23.02
C GLN A 382 25.97 -18.26 24.36
N ALA A 383 26.17 -17.00 24.76
CA ALA A 383 25.76 -16.57 26.08
C ALA A 383 24.25 -16.63 26.26
N VAL A 384 23.49 -16.21 25.25
CA VAL A 384 22.05 -16.07 25.40
C VAL A 384 21.27 -17.26 24.86
N HIS A 385 21.83 -18.02 23.91
CA HIS A 385 21.14 -19.15 23.31
C HIS A 385 21.84 -20.49 23.51
N GLY A 386 23.13 -20.50 23.81
CA GLY A 386 23.85 -21.75 23.97
C GLY A 386 24.14 -22.43 22.65
N VAL A 387 24.44 -21.66 21.62
CA VAL A 387 24.67 -22.20 20.29
C VAL A 387 26.05 -21.79 19.81
N ASP A 388 26.76 -22.73 19.20
CA ASP A 388 28.12 -22.48 18.77
C ASP A 388 28.12 -21.59 17.52
N GLY A 389 29.30 -21.12 17.16
CA GLY A 389 29.39 -20.13 16.10
C GLY A 389 28.82 -20.60 14.78
N ASP A 390 29.01 -21.88 14.46
CA ASP A 390 28.55 -22.37 13.17
C ASP A 390 27.02 -22.43 13.11
N LEU A 391 26.37 -22.87 14.19
CA LEU A 391 24.91 -22.83 14.20
C LEU A 391 24.41 -21.39 14.22
N ALA A 392 25.10 -20.51 14.94
CA ALA A 392 24.70 -19.11 14.99
C ALA A 392 24.70 -18.49 13.59
N ALA A 393 25.79 -18.68 12.85
CA ALA A 393 25.85 -18.17 11.49
C ALA A 393 24.66 -18.65 10.67
N ARG A 394 24.34 -19.94 10.77
CA ARG A 394 23.33 -20.52 9.90
C ARG A 394 21.95 -19.96 10.20
N VAL A 395 21.63 -19.74 11.48
CA VAL A 395 20.30 -19.24 11.81
C VAL A 395 20.22 -17.76 11.47
N ASN A 396 21.32 -17.01 11.62
CA ASN A 396 21.33 -15.64 11.15
C ASN A 396 21.03 -15.58 9.66
N ASP A 397 21.67 -16.45 8.87
CA ASP A 397 21.41 -16.46 7.43
C ASP A 397 19.99 -16.89 7.14
N LEU A 398 19.44 -17.82 7.92
CA LEU A 398 18.03 -18.21 7.76
C LEU A 398 17.13 -17.02 7.99
N LEU A 399 17.43 -16.20 9.01
CA LEU A 399 16.51 -15.16 9.43
C LEU A 399 16.61 -13.89 8.61
N LEU A 400 17.73 -13.64 7.92
CA LEU A 400 17.84 -12.41 7.14
C LEU A 400 16.72 -12.25 6.12
N PRO A 401 16.45 -13.23 5.24
CA PRO A 401 15.32 -13.03 4.31
C PRO A 401 14.00 -12.77 5.01
N ILE A 402 13.86 -13.16 6.29
CA ILE A 402 12.67 -12.82 7.05
C ILE A 402 12.68 -11.34 7.40
N VAL A 403 13.77 -10.89 8.02
CA VAL A 403 13.90 -9.49 8.39
C VAL A 403 13.67 -8.61 7.16
N LYS A 404 14.34 -8.94 6.06
CA LYS A 404 14.21 -8.13 4.85
C LYS A 404 12.85 -8.32 4.17
N GLY A 405 12.54 -9.56 3.79
CA GLY A 405 11.34 -9.80 2.97
C GLY A 405 10.05 -9.63 3.75
N PHE A 406 9.92 -10.32 4.90
CA PHE A 406 8.71 -10.21 5.72
C PHE A 406 8.60 -8.83 6.35
N GLY A 407 9.72 -8.27 6.81
CA GLY A 407 9.69 -6.90 7.30
C GLY A 407 9.30 -5.91 6.22
N SER A 408 10.02 -5.98 5.07
CA SER A 408 9.66 -5.25 3.87
C SER A 408 8.16 -5.14 3.70
N GLU A 409 7.47 -6.26 3.54
CA GLU A 409 6.12 -6.35 3.03
C GLU A 409 5.12 -6.04 4.10
N THR A 410 5.42 -6.39 5.35
CA THR A 410 4.48 -6.14 6.42
C THR A 410 4.42 -4.66 6.79
N ALA A 411 5.58 -4.01 6.88
CA ALA A 411 5.60 -2.61 7.29
C ALA A 411 4.81 -1.74 6.32
N TYR A 412 4.98 -1.96 5.02
CA TYR A 412 4.21 -1.21 4.04
C TYR A 412 2.72 -1.51 4.17
N ALA A 413 2.37 -2.79 4.31
CA ALA A 413 0.96 -3.16 4.37
C ALA A 413 0.28 -2.56 5.58
N LYS A 414 0.95 -2.57 6.74
CA LYS A 414 0.32 -2.10 7.97
C LYS A 414 0.32 -0.59 8.10
N LEU A 415 1.20 0.11 7.38
CA LEU A 415 1.11 1.56 7.33
C LEU A 415 -0.20 2.01 6.70
N THR A 416 -0.84 1.19 5.87
CA THR A 416 -2.17 1.52 5.39
C THR A 416 -3.15 1.67 6.56
N GLU A 417 -3.03 0.83 7.58
CA GLU A 417 -3.87 0.98 8.77
C GLU A 417 -3.50 2.24 9.54
N SER A 418 -2.19 2.48 9.68
CA SER A 418 -1.69 3.75 10.21
C SER A 418 -2.40 4.93 9.59
N LEU A 419 -2.24 5.12 8.28
CA LEU A 419 -2.83 6.24 7.58
C LEU A 419 -4.34 6.25 7.77
N GLN A 420 -4.98 5.08 7.64
CA GLN A 420 -6.42 4.99 7.81
C GLN A 420 -6.87 5.66 9.11
N THR A 421 -6.11 5.46 10.19
CA THR A 421 -6.54 5.96 11.48
C THR A 421 -6.74 7.45 11.48
N LEU A 422 -6.04 8.17 10.61
CA LEU A 422 -6.14 9.62 10.55
C LEU A 422 -7.35 10.09 9.77
N GLY A 423 -8.17 9.18 9.26
CA GLY A 423 -9.27 9.59 8.43
C GLY A 423 -8.74 10.34 7.21
N GLY A 424 -9.54 11.28 6.73
CA GLY A 424 -9.16 12.03 5.54
C GLY A 424 -7.83 12.73 5.68
N SER A 425 -7.45 13.12 6.91
CA SER A 425 -6.22 13.85 7.14
C SER A 425 -4.98 13.01 6.87
N GLY A 426 -5.11 11.67 6.86
CA GLY A 426 -3.99 10.82 6.46
C GLY A 426 -3.49 11.06 5.05
N PHE A 427 -4.35 11.59 4.17
CA PHE A 427 -3.98 11.90 2.81
C PHE A 427 -3.24 13.23 2.66
N LEU A 428 -3.15 14.02 3.74
CA LEU A 428 -2.45 15.29 3.70
C LEU A 428 -0.96 15.10 3.98
N GLN A 429 -0.14 15.93 3.34
CA GLN A 429 1.30 15.92 3.64
C GLN A 429 1.59 16.55 5.00
N ASP A 430 0.62 17.30 5.54
CA ASP A 430 0.75 17.87 6.87
C ASP A 430 1.14 16.82 7.91
N TYR A 431 0.74 15.57 7.70
CA TYR A 431 1.08 14.47 8.59
C TYR A 431 2.07 13.54 7.90
N PRO A 432 2.95 12.86 8.66
CA PRO A 432 4.10 12.19 8.05
C PRO A 432 3.80 10.83 7.43
N ILE A 433 2.59 10.32 7.57
CA ILE A 433 2.35 8.91 7.26
C ILE A 433 2.42 8.66 5.76
N GLU A 434 1.83 9.54 4.95
CA GLU A 434 1.88 9.31 3.50
C GLU A 434 3.33 9.25 3.01
N GLN A 435 4.24 9.98 3.65
CA GLN A 435 5.64 9.87 3.27
C GLN A 435 6.24 8.57 3.78
N TYR A 436 5.89 8.16 5.00
CA TYR A 436 6.31 6.84 5.47
C TYR A 436 6.01 5.79 4.40
N ILE A 437 4.80 5.85 3.82
CA ILE A 437 4.39 4.88 2.81
C ILE A 437 5.27 4.98 1.57
N ARG A 438 5.39 6.19 1.02
CA ARG A 438 6.19 6.40 -0.17
C ARG A 438 7.67 6.08 0.06
N ASP A 439 8.16 6.35 1.28
CA ASP A 439 9.54 6.05 1.62
C ASP A 439 9.78 4.55 1.78
N SER A 440 8.72 3.80 2.03
CA SER A 440 8.80 2.41 2.44
C SER A 440 8.57 1.44 1.28
N LYS A 441 7.87 1.87 0.23
CA LYS A 441 7.56 0.98 -0.89
C LYS A 441 8.81 0.43 -1.55
N ILE A 442 9.94 1.11 -1.39
CA ILE A 442 11.18 0.65 -2.01
C ILE A 442 11.75 -0.55 -1.26
N ASP A 443 11.44 -0.69 0.04
CA ASP A 443 12.08 -1.72 0.84
C ASP A 443 11.76 -3.12 0.33
N SER A 444 10.70 -3.27 -0.46
CA SER A 444 10.38 -4.54 -1.07
C SER A 444 11.14 -4.78 -2.38
N LEU A 445 11.96 -3.82 -2.79
CA LEU A 445 12.60 -3.87 -4.10
C LEU A 445 14.11 -3.94 -4.01
N TYR A 446 14.79 -2.90 -3.56
CA TYR A 446 16.27 -2.87 -3.51
C TYR A 446 16.72 -3.85 -2.43
N ALA A 447 17.99 -4.32 -2.52
CA ALA A 447 18.60 -5.38 -1.72
C ALA A 447 17.96 -6.74 -2.00
N GLY A 448 17.38 -6.90 -3.18
CA GLY A 448 16.70 -8.13 -3.55
C GLY A 448 15.19 -8.06 -3.39
N THR A 449 14.44 -8.33 -4.47
CA THR A 449 12.99 -8.30 -4.39
C THR A 449 12.48 -9.40 -3.45
N THR A 450 11.28 -9.18 -2.92
CA THR A 450 10.72 -10.14 -1.97
C THR A 450 10.83 -11.56 -2.51
N ALA A 451 10.55 -11.75 -3.81
CA ALA A 451 10.65 -13.07 -4.41
C ALA A 451 12.06 -13.61 -4.30
N ILE A 452 13.06 -12.76 -4.55
CA ILE A 452 14.45 -13.16 -4.37
C ILE A 452 14.73 -13.56 -2.93
N GLN A 453 14.14 -12.83 -1.97
CA GLN A 453 14.29 -13.22 -0.57
C GLN A 453 13.69 -14.60 -0.32
N ALA A 454 12.48 -14.83 -0.85
CA ALA A 454 11.80 -16.10 -0.59
C ALA A 454 12.52 -17.26 -1.26
N GLN A 455 13.09 -17.02 -2.44
CA GLN A 455 13.84 -18.07 -3.12
C GLN A 455 15.13 -18.36 -2.40
N ASP A 456 15.74 -17.34 -1.80
CA ASP A 456 16.91 -17.57 -0.95
C ASP A 456 16.52 -18.31 0.32
N PHE A 457 15.43 -17.89 0.96
CA PHE A 457 15.03 -18.49 2.21
C PHE A 457 14.84 -20.00 2.06
N PHE A 458 14.20 -20.42 0.98
CA PHE A 458 13.90 -21.84 0.81
C PHE A 458 15.08 -22.61 0.23
N PHE A 459 15.64 -22.13 -0.89
CA PHE A 459 16.62 -22.93 -1.61
C PHE A 459 17.97 -22.94 -0.91
N ARG A 460 18.41 -21.80 -0.37
CA ARG A 460 19.72 -21.72 0.26
C ARG A 460 19.64 -21.93 1.76
N LYS A 461 18.81 -21.15 2.45
CA LYS A 461 18.81 -21.12 3.90
C LYS A 461 18.10 -22.31 4.55
N ILE A 462 17.44 -23.14 3.75
CA ILE A 462 16.79 -24.34 4.28
C ILE A 462 17.32 -25.57 3.53
N ILE A 463 16.97 -25.70 2.25
CA ILE A 463 17.28 -26.92 1.50
C ILE A 463 18.78 -27.20 1.51
N ARG A 464 19.57 -26.28 0.95
CA ARG A 464 21.02 -26.43 0.95
C ARG A 464 21.55 -26.56 2.38
N ASP A 465 20.87 -25.95 3.34
CA ASP A 465 21.24 -26.06 4.75
C ASP A 465 20.83 -27.40 5.36
N LYS A 466 20.12 -28.24 4.62
CA LYS A 466 19.59 -29.50 5.14
C LYS A 466 18.73 -29.27 6.40
N GLY A 467 18.03 -28.13 6.44
CA GLY A 467 17.02 -27.87 7.47
C GLY A 467 17.53 -27.65 8.88
N GLN A 468 18.84 -27.50 9.08
CA GLN A 468 19.39 -27.44 10.43
C GLN A 468 18.92 -26.18 11.16
N ALA A 469 19.15 -25.01 10.56
CA ALA A 469 18.74 -23.76 11.18
C ALA A 469 17.24 -23.70 11.38
N LEU A 470 16.48 -24.14 10.38
CA LEU A 470 15.03 -24.14 10.52
C LEU A 470 14.59 -25.10 11.63
N ALA A 471 15.25 -26.26 11.72
CA ALA A 471 14.91 -27.23 12.74
C ALA A 471 15.23 -26.70 14.13
N TYR A 472 16.29 -25.89 14.25
CA TYR A 472 16.63 -25.32 15.55
C TYR A 472 15.59 -24.32 16.00
N VAL A 473 15.11 -23.46 15.09
CA VAL A 473 14.15 -22.45 15.49
C VAL A 473 12.82 -23.10 15.86
N ALA A 474 12.35 -24.03 15.02
CA ALA A 474 11.16 -24.81 15.34
C ALA A 474 11.27 -25.45 16.72
N GLY A 475 12.47 -25.92 17.09
CA GLY A 475 12.65 -26.51 18.41
C GLY A 475 12.37 -25.55 19.54
N GLU A 476 12.80 -24.30 19.39
CA GLU A 476 12.56 -23.30 20.43
C GLU A 476 11.09 -22.96 20.53
N ILE A 477 10.37 -22.93 19.40
CA ILE A 477 8.95 -22.63 19.41
C ILE A 477 8.18 -23.77 20.06
N GLU A 478 8.55 -25.01 19.76
CA GLU A 478 7.92 -26.16 20.40
C GLU A 478 8.19 -26.15 21.90
N GLN A 479 9.38 -25.70 22.31
CA GLN A 479 9.71 -25.73 23.73
C GLN A 479 8.86 -24.74 24.50
N PHE A 480 8.60 -23.57 23.91
CA PHE A 480 7.70 -22.60 24.55
C PHE A 480 6.29 -23.15 24.62
N ILE A 481 5.85 -23.87 23.58
CA ILE A 481 4.50 -24.41 23.57
C ILE A 481 4.30 -25.37 24.73
N LYS A 482 5.27 -26.23 25.02
CA LYS A 482 5.09 -27.28 26.02
C LYS A 482 5.52 -26.85 27.43
N ASN A 483 6.05 -25.65 27.58
CA ASN A 483 6.11 -24.99 28.88
C ASN A 483 6.85 -25.82 29.92
N GLY A 488 -1.02 -20.99 32.06
CA GLY A 488 -2.43 -20.90 32.40
C GLY A 488 -3.20 -19.80 31.68
N ARG A 489 -2.84 -18.54 31.97
CA ARG A 489 -3.30 -17.43 31.14
C ARG A 489 -2.65 -17.42 29.77
N LEU A 490 -1.77 -18.41 29.50
CA LEU A 490 -1.07 -18.55 28.23
C LEU A 490 -1.43 -19.84 27.49
N LYS A 491 -2.40 -20.62 28.01
CA LYS A 491 -2.72 -21.90 27.39
C LYS A 491 -3.32 -21.70 25.99
N THR A 492 -4.19 -20.71 25.83
CA THR A 492 -4.86 -20.53 24.55
C THR A 492 -3.89 -20.07 23.46
N GLU A 493 -3.04 -19.09 23.76
CA GLU A 493 -2.01 -18.71 22.80
C GLU A 493 -1.17 -19.91 22.39
N ARG A 494 -0.74 -20.71 23.38
CA ARG A 494 0.09 -21.87 23.09
C ARG A 494 -0.64 -22.85 22.18
N GLU A 495 -1.94 -23.03 22.41
CA GLU A 495 -2.71 -23.91 21.54
C GLU A 495 -2.72 -23.38 20.11
N LEU A 496 -2.88 -22.06 19.95
CA LEU A 496 -2.89 -21.47 18.62
C LEU A 496 -1.51 -21.48 17.99
N LEU A 497 -0.47 -21.22 18.77
CA LEU A 497 0.89 -21.30 18.25
C LEU A 497 1.24 -22.72 17.83
N ALA A 498 0.59 -23.72 18.42
CA ALA A 498 0.88 -25.11 18.05
C ALA A 498 0.28 -25.43 16.69
N THR A 499 -1.00 -25.05 16.47
CA THR A 499 -1.58 -25.05 15.14
C THR A 499 -0.66 -24.35 14.13
N ALA A 500 -0.24 -23.11 14.45
CA ALA A 500 0.58 -22.35 13.51
C ALA A 500 1.87 -23.07 13.17
N LEU A 501 2.53 -23.68 14.17
CA LEU A 501 3.76 -24.43 13.90
C LEU A 501 3.50 -25.61 12.98
N ALA A 502 2.47 -26.41 13.29
CA ALA A 502 2.11 -27.50 12.39
C ALA A 502 1.87 -27.00 10.99
N ASP A 503 1.18 -25.86 10.86
CA ASP A 503 0.88 -25.30 9.55
C ASP A 503 2.16 -24.98 8.78
N VAL A 504 3.14 -24.34 9.44
CA VAL A 504 4.38 -24.02 8.75
C VAL A 504 5.14 -25.31 8.42
N GLN A 505 5.20 -26.26 9.37
CA GLN A 505 5.76 -27.57 9.08
C GLN A 505 5.07 -28.19 7.86
N GLY A 506 3.74 -28.15 7.84
CA GLY A 506 3.03 -28.58 6.66
C GLY A 506 3.54 -27.93 5.41
N MET A 507 3.66 -26.60 5.42
CA MET A 507 4.01 -25.89 4.19
C MET A 507 5.42 -26.24 3.73
N ALA A 508 6.36 -26.39 4.68
CA ALA A 508 7.72 -26.75 4.32
C ALA A 508 7.79 -28.15 3.75
N ALA A 509 7.08 -29.09 4.38
CA ALA A 509 7.07 -30.46 3.89
C ALA A 509 6.46 -30.53 2.49
N SER A 510 5.39 -29.78 2.26
CA SER A 510 4.76 -29.75 0.94
C SER A 510 5.72 -29.22 -0.12
N LEU A 511 6.33 -28.07 0.14
CA LEU A 511 7.22 -27.47 -0.85
C LEU A 511 8.43 -28.36 -1.13
N THR A 512 9.00 -28.97 -0.11
CA THR A 512 10.15 -29.84 -0.34
C THR A 512 9.75 -31.05 -1.16
N GLY A 513 8.52 -31.53 -0.98
CA GLY A 513 8.01 -32.54 -1.90
C GLY A 513 8.02 -32.06 -3.34
N TYR A 514 7.42 -30.89 -3.59
CA TYR A 514 7.40 -30.36 -4.96
C TYR A 514 8.81 -30.22 -5.52
N LEU A 515 9.78 -29.83 -4.68
CA LEU A 515 11.13 -29.61 -5.16
C LEU A 515 11.80 -30.93 -5.55
N MET A 516 11.78 -31.91 -4.66
CA MET A 516 12.51 -33.13 -4.94
C MET A 516 11.75 -34.02 -5.92
N ALA A 517 10.46 -33.77 -6.12
CA ALA A 517 9.74 -34.45 -7.19
C ALA A 517 10.12 -33.92 -8.57
N ALA A 518 10.91 -32.84 -8.64
CA ALA A 518 11.26 -32.25 -9.92
C ALA A 518 12.25 -33.08 -10.72
N GLN A 519 12.84 -34.11 -10.12
CA GLN A 519 13.85 -34.89 -10.83
C GLN A 519 13.19 -35.84 -11.82
N GLU A 520 12.03 -36.40 -11.47
CA GLU A 520 11.23 -37.18 -12.41
C GLU A 520 10.22 -36.35 -13.17
N ASP A 521 10.08 -35.05 -12.87
CA ASP A 521 9.11 -34.19 -13.57
C ASP A 521 9.52 -32.73 -13.34
N ALA A 522 10.26 -32.16 -14.30
CA ALA A 522 10.93 -30.88 -14.07
C ALA A 522 9.93 -29.77 -13.78
N ALA A 523 8.76 -29.78 -14.43
CA ALA A 523 7.78 -28.71 -14.20
C ALA A 523 7.33 -28.65 -12.74
N SER A 524 7.64 -29.67 -11.94
CA SER A 524 7.22 -29.68 -10.54
C SER A 524 7.86 -28.53 -9.77
N ILE A 525 9.03 -28.05 -10.20
CA ILE A 525 9.73 -27.02 -9.45
C ILE A 525 8.98 -25.70 -9.47
N TYR A 526 8.10 -25.49 -10.45
CA TYR A 526 7.34 -24.25 -10.50
C TYR A 526 6.44 -24.12 -9.26
N LYS A 527 5.97 -25.24 -8.72
CA LYS A 527 5.13 -25.20 -7.53
C LYS A 527 5.89 -24.64 -6.33
N VAL A 528 7.21 -24.81 -6.31
CA VAL A 528 8.01 -24.18 -5.28
C VAL A 528 7.99 -22.66 -5.42
N GLY A 529 8.12 -22.16 -6.65
CA GLY A 529 8.07 -20.72 -6.84
C GLY A 529 6.71 -20.13 -6.51
N LEU A 530 5.63 -20.84 -6.87
CA LEU A 530 4.29 -20.35 -6.61
C LEU A 530 4.03 -20.18 -5.13
N GLY A 531 4.71 -20.96 -4.28
CA GLY A 531 4.44 -20.94 -2.87
C GLY A 531 5.50 -20.26 -2.01
N SER A 532 6.65 -19.95 -2.59
CA SER A 532 7.81 -19.59 -1.77
C SER A 532 7.53 -18.34 -0.93
N VAL A 533 6.92 -17.31 -1.52
CA VAL A 533 6.74 -16.06 -0.80
C VAL A 533 5.68 -16.21 0.29
N ARG A 534 4.59 -16.92 -0.02
CA ARG A 534 3.58 -17.18 1.00
C ARG A 534 4.17 -17.99 2.15
N PHE A 535 5.09 -18.91 1.84
CA PHE A 535 5.74 -19.68 2.90
C PHE A 535 6.59 -18.77 3.76
N LEU A 536 7.34 -17.87 3.12
CA LEU A 536 8.14 -16.88 3.84
C LEU A 536 7.28 -16.06 4.79
N MET A 537 6.13 -15.59 4.30
CA MET A 537 5.29 -14.72 5.13
C MET A 537 4.72 -15.49 6.31
N ALA A 538 4.35 -16.76 6.11
CA ALA A 538 3.86 -17.56 7.21
C ALA A 538 4.94 -17.73 8.28
N VAL A 539 6.18 -18.03 7.86
CA VAL A 539 7.26 -18.16 8.83
C VAL A 539 7.43 -16.86 9.60
N GLY A 540 7.26 -15.72 8.93
CA GLY A 540 7.32 -14.44 9.62
C GLY A 540 6.16 -14.23 10.58
N ASP A 541 4.97 -14.68 10.19
CA ASP A 541 3.83 -14.60 11.12
C ASP A 541 4.02 -15.57 12.28
N LEU A 542 4.60 -16.75 12.03
CA LEU A 542 4.83 -17.70 13.11
C LEU A 542 5.81 -17.14 14.12
N LEU A 543 6.90 -16.54 13.64
CA LEU A 543 7.91 -15.99 14.53
C LEU A 543 7.34 -14.82 15.33
N SER A 544 6.47 -14.02 14.72
CA SER A 544 5.89 -12.89 15.43
C SER A 544 4.97 -13.36 16.55
N GLY A 545 4.14 -14.37 16.28
CA GLY A 545 3.29 -14.90 17.32
C GLY A 545 4.08 -15.52 18.45
N TRP A 546 5.17 -16.21 18.11
CA TRP A 546 6.01 -16.82 19.13
C TRP A 546 6.69 -15.74 19.97
N LEU A 547 7.44 -14.85 19.32
CA LEU A 547 8.13 -13.79 20.06
C LEU A 547 7.16 -12.95 20.89
N LEU A 548 6.01 -12.57 20.32
CA LEU A 548 5.04 -11.80 21.07
C LEU A 548 4.55 -12.58 22.29
N ALA A 549 4.43 -13.90 22.16
CA ALA A 549 3.99 -14.73 23.29
C ALA A 549 5.06 -14.80 24.36
N ARG A 550 6.33 -15.02 23.97
CA ARG A 550 7.43 -14.93 24.91
C ARG A 550 7.35 -13.66 25.74
N GLN A 551 7.12 -12.52 25.07
CA GLN A 551 7.04 -11.24 25.74
C GLN A 551 5.88 -11.21 26.73
N ALA A 552 4.73 -11.77 26.37
CA ALA A 552 3.60 -11.82 27.31
C ALA A 552 3.93 -12.68 28.52
N ALA A 553 4.67 -13.77 28.30
CA ALA A 553 5.08 -14.63 29.41
C ALA A 553 5.92 -13.86 30.43
N VAL A 554 6.77 -12.95 29.95
CA VAL A 554 7.59 -12.13 30.84
C VAL A 554 6.75 -11.03 31.47
N ALA A 555 5.84 -10.42 30.71
CA ALA A 555 4.97 -9.39 31.27
C ALA A 555 4.10 -9.95 32.39
N ILE A 556 3.76 -11.24 32.32
CA ILE A 556 3.03 -11.88 33.41
C ILE A 556 3.91 -11.97 34.65
N GLU A 557 5.15 -12.43 34.47
CA GLU A 557 6.08 -12.48 35.61
C GLU A 557 6.21 -11.12 36.28
N LYS A 558 6.47 -10.08 35.47
CA LYS A 558 6.66 -8.73 36.01
C LYS A 558 5.40 -8.17 36.64
N LEU A 559 4.22 -8.53 36.12
CA LEU A 559 2.97 -8.09 36.73
C LEU A 559 2.75 -8.82 38.06
N ASP A 560 2.91 -10.14 38.06
CA ASP A 560 2.78 -10.90 39.30
C ASP A 560 3.77 -10.43 40.35
N ALA A 561 4.93 -9.92 39.92
CA ALA A 561 5.91 -9.36 40.86
C ALA A 561 5.54 -7.95 41.31
N GLY A 562 4.45 -7.39 40.80
CA GLY A 562 3.91 -6.15 41.30
C GLY A 562 4.24 -4.90 40.54
N ALA A 563 4.41 -4.97 39.22
CA ALA A 563 4.67 -3.75 38.46
C ALA A 563 3.47 -2.81 38.58
N THR A 564 3.77 -1.51 38.53
CA THR A 564 2.74 -0.49 38.71
C THR A 564 2.96 0.66 37.73
N GLY A 565 1.93 1.49 37.59
CA GLY A 565 2.05 2.71 36.82
C GLY A 565 2.34 2.44 35.35
N ALA A 566 3.24 3.25 34.79
CA ALA A 566 3.56 3.14 33.37
C ALA A 566 4.10 1.76 33.01
N ASP A 567 4.83 1.12 33.92
CA ASP A 567 5.33 -0.23 33.65
C ASP A 567 4.16 -1.20 33.47
N LYS A 568 3.24 -1.22 34.44
CA LYS A 568 2.05 -2.06 34.35
C LYS A 568 1.40 -1.94 32.98
N SER A 569 1.13 -0.70 32.57
CA SER A 569 0.48 -0.44 31.28
C SER A 569 1.25 -1.10 30.13
N PHE A 570 2.58 -0.96 30.14
CA PHE A 570 3.41 -1.58 29.11
C PHE A 570 3.23 -3.09 29.09
N TYR A 571 3.40 -3.74 30.24
CA TYR A 571 3.28 -5.19 30.35
C TYR A 571 1.88 -5.67 30.01
N GLU A 572 0.86 -4.85 30.33
CA GLU A 572 -0.51 -5.20 29.99
C GLU A 572 -0.74 -5.20 28.49
N GLY A 573 -0.04 -4.31 27.77
CA GLY A 573 -0.16 -4.27 26.32
C GLY A 573 0.53 -5.42 25.63
N LYS A 574 1.62 -5.93 26.23
CA LYS A 574 2.24 -7.12 25.66
C LYS A 574 1.28 -8.30 25.69
N ILE A 575 0.57 -8.48 26.80
CA ILE A 575 -0.42 -9.54 26.90
C ILE A 575 -1.50 -9.35 25.83
N ALA A 576 -2.05 -8.13 25.73
CA ALA A 576 -3.09 -7.84 24.76
C ALA A 576 -2.59 -8.11 23.34
N ALA A 577 -1.40 -7.61 23.01
CA ALA A 577 -0.87 -7.81 21.67
C ALA A 577 -0.70 -9.29 21.36
N ALA A 578 -0.20 -10.06 22.33
CA ALA A 578 0.12 -11.46 22.08
C ALA A 578 -1.12 -12.30 21.84
N SER A 579 -2.18 -12.09 22.64
CA SER A 579 -3.42 -12.86 22.46
C SER A 579 -4.15 -12.42 21.20
N PHE A 580 -4.12 -11.13 20.90
CA PHE A 580 -4.74 -10.63 19.68
C PHE A 580 -4.10 -11.28 18.46
N PHE A 581 -2.77 -11.24 18.40
CA PHE A 581 -2.06 -11.80 17.25
C PHE A 581 -2.33 -13.29 17.12
N ALA A 582 -2.38 -13.98 18.26
CA ALA A 582 -2.66 -15.41 18.22
C ALA A 582 -4.05 -15.68 17.66
N LYS A 583 -5.02 -14.84 17.99
CA LYS A 583 -6.41 -15.10 17.63
C LYS A 583 -6.82 -14.51 16.28
N ASN A 584 -6.15 -13.45 15.82
CA ASN A 584 -6.57 -12.75 14.61
C ASN A 584 -5.62 -12.91 13.43
N MET A 585 -4.34 -13.15 13.68
CA MET A 585 -3.36 -13.31 12.61
C MET A 585 -3.04 -14.77 12.33
N LEU A 586 -2.66 -15.53 13.36
CA LEU A 586 -2.12 -16.87 13.14
C LEU A 586 -3.09 -17.81 12.45
N PRO A 587 -4.38 -17.86 12.82
CA PRO A 587 -5.29 -18.85 12.21
C PRO A 587 -5.25 -18.87 10.70
N LEU A 588 -5.05 -17.73 10.04
CA LEU A 588 -5.04 -17.68 8.57
C LEU A 588 -4.00 -18.60 7.96
N LEU A 589 -3.01 -19.05 8.75
CA LEU A 589 -1.99 -19.95 8.23
C LEU A 589 -2.54 -21.34 7.91
N THR A 590 -3.59 -21.76 8.63
CA THR A 590 -4.19 -23.06 8.31
C THR A 590 -4.66 -23.08 6.85
N SER A 591 -5.45 -22.08 6.44
CA SER A 591 -5.91 -22.03 5.06
C SER A 591 -4.75 -21.81 4.08
N THR A 592 -3.70 -21.11 4.52
CA THR A 592 -2.55 -20.94 3.64
C THR A 592 -1.82 -22.26 3.42
N ARG A 593 -1.64 -23.06 4.47
CA ARG A 593 -1.05 -24.38 4.28
C ARG A 593 -1.87 -25.18 3.26
N GLN A 594 -3.19 -25.22 3.44
CA GLN A 594 -4.03 -25.98 2.54
C GLN A 594 -3.89 -25.49 1.11
N ILE A 595 -3.85 -24.16 0.93
CA ILE A 595 -3.69 -23.62 -0.42
C ILE A 595 -2.36 -24.08 -1.01
N ILE A 596 -1.31 -24.08 -0.20
CA ILE A 596 -0.01 -24.54 -0.69
C ILE A 596 -0.03 -26.03 -0.97
N GLU A 597 -0.78 -26.80 -0.18
CA GLU A 597 -0.85 -28.24 -0.40
C GLU A 597 -1.59 -28.61 -1.67
N ASN A 598 -2.31 -27.66 -2.29
CA ASN A 598 -3.09 -27.93 -3.49
C ASN A 598 -2.64 -27.12 -4.71
N LEU A 599 -1.44 -26.53 -4.67
CA LEU A 599 -0.92 -25.82 -5.83
C LEU A 599 -0.83 -26.71 -7.07
N ASP A 600 -0.95 -26.08 -8.24
CA ASP A 600 -0.81 -26.78 -9.52
C ASP A 600 -0.21 -25.82 -10.54
N ASN A 601 0.12 -26.36 -11.72
CA ASN A 601 0.80 -25.59 -12.75
C ASN A 601 -0.16 -25.05 -13.83
N ASP A 602 -1.47 -25.02 -13.58
CA ASP A 602 -2.38 -24.41 -14.55
C ASP A 602 -1.90 -23.01 -14.95
N VAL A 603 -1.62 -22.16 -13.96
CA VAL A 603 -1.16 -20.80 -14.20
C VAL A 603 0.17 -20.76 -14.96
N MET A 604 0.93 -21.86 -14.95
CA MET A 604 2.18 -21.91 -15.70
C MET A 604 1.98 -22.36 -17.15
N GLU A 605 1.06 -23.32 -17.38
CA GLU A 605 0.77 -23.78 -18.73
C GLU A 605 0.00 -22.77 -19.56
N LEU A 606 -0.69 -21.83 -18.93
CA LEU A 606 -1.51 -20.86 -19.65
C LEU A 606 -0.67 -19.99 -20.58
N ASP A 607 -1.18 -19.78 -21.80
CA ASP A 607 -0.42 -18.99 -22.76
C ASP A 607 -0.38 -17.54 -22.30
N GLU A 608 0.77 -16.91 -22.51
CA GLU A 608 0.97 -15.52 -22.13
C GLU A 608 -0.13 -14.62 -22.67
N ALA A 609 -0.64 -14.92 -23.87
CA ALA A 609 -1.63 -14.06 -24.49
C ALA A 609 -2.97 -14.09 -23.76
N ALA A 610 -3.20 -15.10 -22.92
CA ALA A 610 -4.45 -15.19 -22.17
C ALA A 610 -4.48 -14.28 -20.96
N PHE A 611 -3.33 -13.76 -20.54
CA PHE A 611 -3.28 -12.72 -19.52
C PHE A 611 -3.84 -11.44 -20.11
N SER B 2 -1.59 7.52 -22.79
CA SER B 2 -0.54 6.56 -23.13
C SER B 2 -0.08 5.79 -21.90
N HIS B 3 -0.16 6.39 -20.72
CA HIS B 3 -0.04 5.60 -19.50
C HIS B 3 -1.25 4.67 -19.35
N TYR B 4 -2.41 5.13 -19.77
CA TYR B 4 -3.66 4.43 -19.50
C TYR B 4 -3.86 3.35 -20.53
N LYS B 5 -3.97 2.11 -20.08
CA LYS B 5 -4.28 0.98 -20.94
C LYS B 5 -5.71 0.56 -20.64
N SER B 6 -6.56 0.66 -21.66
CA SER B 6 -7.99 0.45 -21.57
C SER B 6 -8.32 -1.04 -21.66
N ASN B 7 -9.61 -1.36 -21.51
CA ASN B 7 -10.05 -2.74 -21.73
C ASN B 7 -11.53 -2.76 -22.13
N VAL B 8 -11.80 -2.23 -23.32
CA VAL B 8 -13.17 -2.24 -23.83
C VAL B 8 -13.67 -3.67 -23.97
N ARG B 9 -12.78 -4.59 -24.37
CA ARG B 9 -13.20 -5.95 -24.63
C ARG B 9 -13.82 -6.59 -23.40
N ASP B 10 -13.17 -6.44 -22.24
CA ASP B 10 -13.72 -7.01 -21.02
C ASP B 10 -15.05 -6.37 -20.66
N GLN B 11 -15.19 -5.06 -20.90
CA GLN B 11 -16.45 -4.39 -20.63
C GLN B 11 -17.57 -4.98 -21.47
N VAL B 12 -17.33 -5.10 -22.78
CA VAL B 12 -18.36 -5.63 -23.68
C VAL B 12 -18.69 -7.07 -23.29
N PHE B 13 -17.66 -7.88 -23.05
CA PHE B 13 -17.88 -9.25 -22.61
C PHE B 13 -18.80 -9.29 -21.40
N ASN B 14 -18.57 -8.40 -20.43
CA ASN B 14 -19.41 -8.37 -19.22
C ASN B 14 -20.82 -7.91 -19.57
N LEU B 15 -20.93 -6.79 -20.27
CA LEU B 15 -22.22 -6.17 -20.51
C LEU B 15 -23.11 -7.06 -21.36
N PHE B 16 -22.53 -7.76 -22.33
CA PHE B 16 -23.30 -8.42 -23.37
C PHE B 16 -23.35 -9.93 -23.22
N GLU B 17 -22.19 -10.57 -23.07
CA GLU B 17 -22.16 -12.03 -23.00
C GLU B 17 -22.50 -12.57 -21.63
N VAL B 18 -22.35 -11.79 -20.56
CA VAL B 18 -22.55 -12.27 -19.20
C VAL B 18 -23.86 -11.73 -18.60
N PHE B 19 -24.08 -10.41 -18.70
CA PHE B 19 -25.26 -9.79 -18.12
C PHE B 19 -26.36 -9.49 -19.15
N GLY B 20 -26.06 -9.62 -20.44
CA GLY B 20 -27.08 -9.40 -21.45
C GLY B 20 -27.73 -8.03 -21.38
N VAL B 21 -26.93 -7.00 -21.09
CA VAL B 21 -27.47 -5.65 -21.08
C VAL B 21 -27.99 -5.28 -22.46
N ASP B 22 -27.53 -5.96 -23.50
CA ASP B 22 -28.00 -5.66 -24.85
C ASP B 22 -29.47 -5.99 -25.04
N LYS B 23 -30.06 -6.77 -24.13
CA LYS B 23 -31.48 -7.13 -24.23
C LYS B 23 -32.42 -5.97 -24.00
N VAL B 24 -31.93 -4.84 -23.48
CA VAL B 24 -32.77 -3.66 -23.35
C VAL B 24 -32.46 -2.62 -24.42
N LEU B 25 -31.31 -2.70 -25.09
CA LEU B 25 -30.96 -1.74 -26.11
C LEU B 25 -31.88 -1.89 -27.32
N GLY B 26 -32.52 -0.78 -27.72
CA GLY B 26 -33.48 -0.78 -28.79
C GLY B 26 -34.93 -0.79 -28.36
N ALA B 27 -35.22 -0.84 -27.06
CA ALA B 27 -36.60 -0.92 -26.60
C ALA B 27 -36.80 -0.07 -25.35
N ASP B 28 -38.03 0.44 -25.20
CA ASP B 28 -38.46 1.15 -23.99
C ASP B 28 -37.62 2.41 -23.83
N LYS B 29 -37.02 2.65 -22.66
CA LYS B 29 -36.29 3.89 -22.39
C LYS B 29 -35.11 4.08 -23.33
N PHE B 30 -34.55 2.99 -23.84
CA PHE B 30 -33.39 3.03 -24.73
C PHE B 30 -33.78 2.65 -26.16
N SER B 31 -34.99 3.00 -26.55
CA SER B 31 -35.43 2.89 -27.94
C SER B 31 -34.31 3.22 -28.93
N ASP B 32 -33.74 4.42 -28.82
CA ASP B 32 -32.95 5.02 -29.88
C ASP B 32 -31.45 4.77 -29.73
N LEU B 33 -31.07 3.73 -29.00
CA LEU B 33 -29.65 3.37 -28.87
C LEU B 33 -29.54 1.86 -28.98
N ASP B 34 -28.76 1.42 -29.97
CA ASP B 34 -28.62 0.00 -30.24
C ASP B 34 -27.27 -0.50 -29.74
N ALA B 35 -27.12 -1.84 -29.74
CA ALA B 35 -25.91 -2.45 -29.20
C ALA B 35 -24.68 -2.03 -29.99
N ASP B 36 -24.79 -1.96 -31.32
CA ASP B 36 -23.65 -1.54 -32.13
C ASP B 36 -23.22 -0.13 -31.79
N THR B 37 -24.18 0.78 -31.55
CA THR B 37 -23.80 2.12 -31.13
C THR B 37 -23.04 2.08 -29.81
N ALA B 38 -23.50 1.26 -28.85
CA ALA B 38 -22.88 1.23 -27.54
C ALA B 38 -21.41 0.82 -27.63
N ARG B 39 -21.14 -0.24 -28.38
CA ARG B 39 -19.75 -0.65 -28.60
C ARG B 39 -18.92 0.51 -29.16
N GLU B 40 -19.52 1.34 -30.02
CA GLU B 40 -18.80 2.47 -30.61
C GLU B 40 -18.54 3.57 -29.59
N MET B 41 -19.54 3.87 -28.75
CA MET B 41 -19.35 4.86 -27.68
C MET B 41 -18.26 4.41 -26.70
N LEU B 42 -18.23 3.12 -26.38
CA LEU B 42 -17.20 2.61 -25.48
C LEU B 42 -15.81 2.82 -26.07
N THR B 43 -15.62 2.47 -27.36
CA THR B 43 -14.29 2.54 -27.93
C THR B 43 -13.89 3.98 -28.23
N GLU B 44 -14.86 4.88 -28.42
CA GLU B 44 -14.54 6.28 -28.62
C GLU B 44 -14.01 6.92 -27.34
N ILE B 45 -14.80 6.83 -26.26
CA ILE B 45 -14.37 7.40 -24.98
C ILE B 45 -13.07 6.76 -24.54
N ALA B 46 -12.86 5.49 -24.89
CA ALA B 46 -11.62 4.81 -24.52
C ALA B 46 -10.44 5.37 -25.32
N ARG B 47 -10.66 5.68 -26.60
CA ARG B 47 -9.61 6.32 -27.40
C ARG B 47 -9.34 7.73 -26.92
N LEU B 48 -10.40 8.49 -26.58
CA LEU B 48 -10.24 9.83 -26.03
C LEU B 48 -9.49 9.77 -24.71
N ALA B 49 -9.88 8.84 -23.84
CA ALA B 49 -9.20 8.70 -22.54
C ALA B 49 -7.73 8.30 -22.74
N GLU B 50 -7.46 7.36 -23.65
CA GLU B 50 -6.07 6.97 -23.89
C GLU B 50 -5.25 8.11 -24.49
N GLY B 51 -5.89 9.05 -25.16
CA GLY B 51 -5.19 10.14 -25.79
C GLY B 51 -5.32 11.44 -25.03
N PRO B 52 -6.20 12.33 -25.52
CA PRO B 52 -6.22 13.70 -24.99
C PRO B 52 -6.39 13.80 -23.49
N ILE B 53 -7.01 12.80 -22.85
CA ILE B 53 -7.31 12.89 -21.42
C ILE B 53 -6.21 12.29 -20.57
N ALA B 54 -5.63 11.15 -20.98
CA ALA B 54 -4.47 10.63 -20.28
C ALA B 54 -3.25 11.50 -20.49
N GLU B 55 -3.30 12.41 -21.46
CA GLU B 55 -2.11 13.18 -21.79
C GLU B 55 -1.62 14.01 -20.61
N SER B 56 -2.54 14.50 -19.78
CA SER B 56 -2.17 15.42 -18.71
C SER B 56 -2.15 14.75 -17.34
N PHE B 57 -2.27 13.42 -17.30
CA PHE B 57 -2.21 12.70 -16.03
C PHE B 57 -0.94 13.07 -15.25
N VAL B 58 0.23 12.94 -15.88
CA VAL B 58 1.48 13.25 -15.20
C VAL B 58 1.56 14.74 -14.88
N GLU B 59 1.13 15.59 -15.81
CA GLU B 59 1.29 17.02 -15.61
C GLU B 59 0.48 17.49 -14.41
N GLY B 60 -0.75 17.01 -14.27
CA GLY B 60 -1.55 17.43 -13.14
C GLY B 60 -0.88 17.14 -11.81
N ASP B 61 -0.12 16.04 -11.76
CA ASP B 61 0.53 15.64 -10.52
C ASP B 61 1.81 16.44 -10.29
N ARG B 62 2.64 16.58 -11.33
CA ARG B 62 3.93 17.24 -11.16
C ARG B 62 3.82 18.76 -11.04
N ASN B 63 2.76 19.36 -11.57
CA ASN B 63 2.56 20.81 -11.51
C ASN B 63 1.15 21.05 -11.02
N PRO B 64 0.91 20.83 -9.73
CA PRO B 64 -0.46 20.84 -9.18
C PRO B 64 -1.02 22.24 -9.08
N PRO B 65 -2.32 22.37 -8.85
CA PRO B 65 -2.93 23.71 -8.81
C PRO B 65 -2.27 24.60 -7.78
N VAL B 66 -2.22 25.89 -8.09
CA VAL B 66 -1.68 26.88 -7.16
C VAL B 66 -2.80 27.82 -6.75
N PHE B 67 -2.89 28.07 -5.46
CA PHE B 67 -3.95 28.84 -4.83
C PHE B 67 -3.50 30.28 -4.66
N ASP B 68 -4.35 31.22 -5.08
CA ASP B 68 -4.13 32.63 -4.75
C ASP B 68 -5.08 32.98 -3.61
N PRO B 69 -4.57 33.28 -2.40
CA PRO B 69 -5.46 33.48 -1.24
C PRO B 69 -6.21 34.80 -1.25
N GLU B 70 -5.72 35.83 -1.94
CA GLU B 70 -6.42 37.10 -1.93
C GLU B 70 -7.49 37.20 -3.01
N THR B 71 -7.44 36.35 -4.03
CA THR B 71 -8.54 36.20 -4.97
C THR B 71 -9.45 35.01 -4.65
N HIS B 72 -8.98 34.08 -3.80
CA HIS B 72 -9.73 32.88 -3.42
C HIS B 72 -10.00 31.98 -4.62
N THR B 73 -9.01 31.83 -5.49
CA THR B 73 -9.14 31.01 -6.68
C THR B 73 -7.92 30.12 -6.84
N VAL B 74 -8.07 29.08 -7.67
CA VAL B 74 -6.97 28.18 -7.98
C VAL B 74 -6.66 28.29 -9.46
N THR B 75 -5.37 28.15 -9.80
CA THR B 75 -4.93 28.03 -11.18
C THR B 75 -4.62 26.56 -11.45
N LEU B 76 -5.23 26.01 -12.53
CA LEU B 76 -4.97 24.64 -12.94
C LEU B 76 -3.99 24.63 -14.10
N PRO B 77 -3.16 23.59 -14.22
CA PRO B 77 -2.17 23.56 -15.30
C PRO B 77 -2.80 23.45 -16.67
N GLU B 78 -2.19 24.13 -17.63
CA GLU B 78 -2.79 24.28 -18.97
C GLU B 78 -3.14 22.92 -19.58
N GLY B 79 -2.25 21.94 -19.47
CA GLY B 79 -2.49 20.67 -20.11
C GLY B 79 -3.70 19.93 -19.58
N PHE B 80 -3.98 20.09 -18.28
CA PHE B 80 -5.15 19.45 -17.68
C PHE B 80 -6.43 20.12 -18.15
N LYS B 81 -6.44 21.46 -18.23
CA LYS B 81 -7.60 22.17 -18.74
C LYS B 81 -7.87 21.82 -20.19
N LYS B 82 -6.82 21.54 -20.96
CA LYS B 82 -7.03 21.08 -22.33
C LYS B 82 -7.75 19.74 -22.35
N SER B 83 -7.39 18.84 -21.43
CA SER B 83 -8.08 17.56 -21.31
C SER B 83 -9.55 17.76 -20.97
N MET B 84 -9.85 18.72 -20.09
CA MET B 84 -11.23 18.98 -19.71
C MET B 84 -12.06 19.44 -20.90
N ARG B 85 -11.51 20.36 -21.72
CA ARG B 85 -12.22 20.80 -22.91
C ARG B 85 -12.45 19.65 -23.88
N ALA B 86 -11.48 18.73 -23.98
CA ALA B 86 -11.68 17.51 -24.77
C ALA B 86 -12.89 16.74 -24.27
N LEU B 87 -12.94 16.52 -22.95
CA LEU B 87 -14.09 15.87 -22.32
C LEU B 87 -15.39 16.58 -22.67
N PHE B 88 -15.38 17.92 -22.62
CA PHE B 88 -16.58 18.69 -22.91
C PHE B 88 -17.00 18.58 -24.37
N ASP B 89 -16.06 18.82 -25.28
CA ASP B 89 -16.39 18.82 -26.70
C ASP B 89 -17.00 17.50 -27.16
N GLY B 90 -16.80 16.42 -26.43
CA GLY B 90 -17.41 15.15 -26.75
C GLY B 90 -18.71 14.86 -26.03
N GLY B 91 -19.17 15.77 -25.17
CA GLY B 91 -20.37 15.53 -24.40
C GLY B 91 -20.20 14.52 -23.28
N TRP B 92 -18.95 14.20 -22.93
CA TRP B 92 -18.66 13.23 -21.88
C TRP B 92 -18.90 13.80 -20.50
N ASP B 93 -19.42 15.02 -20.42
CA ASP B 93 -19.92 15.58 -19.18
C ASP B 93 -21.40 15.33 -19.02
N LYS B 94 -22.04 14.67 -19.99
CA LYS B 94 -23.48 14.49 -20.05
C LYS B 94 -23.80 13.02 -20.30
N VAL B 95 -23.05 12.15 -19.64
CA VAL B 95 -23.20 10.71 -19.81
C VAL B 95 -24.36 10.25 -18.94
N GLY B 96 -25.37 9.65 -19.56
CA GLY B 96 -26.54 9.21 -18.84
C GLY B 96 -27.39 10.32 -18.28
N LEU B 97 -27.02 11.57 -18.50
CA LEU B 97 -27.87 12.67 -18.10
C LEU B 97 -29.26 12.49 -18.72
N ALA B 98 -30.28 12.92 -17.97
CA ALA B 98 -31.64 12.76 -18.43
C ALA B 98 -31.83 13.43 -19.78
N GLU B 99 -32.68 12.82 -20.62
CA GLU B 99 -32.88 13.30 -21.98
C GLU B 99 -33.32 14.76 -21.99
N HIS B 100 -34.18 15.15 -21.04
CA HIS B 100 -34.68 16.52 -20.99
C HIS B 100 -33.63 17.52 -20.53
N LEU B 101 -32.42 17.06 -20.22
CA LEU B 101 -31.29 17.95 -19.93
C LEU B 101 -30.23 17.88 -21.03
N GLY B 102 -30.54 17.26 -22.16
CA GLY B 102 -29.60 17.12 -23.25
C GLY B 102 -28.78 15.84 -23.21
N GLY B 103 -29.05 14.95 -22.28
CA GLY B 103 -28.31 13.71 -22.21
C GLY B 103 -28.86 12.67 -23.15
N ILE B 104 -28.04 11.66 -23.43
CA ILE B 104 -28.44 10.51 -24.23
C ILE B 104 -28.93 9.44 -23.27
N PRO B 105 -30.18 8.98 -23.38
CA PRO B 105 -30.63 7.89 -22.50
C PRO B 105 -29.79 6.65 -22.73
N MET B 106 -29.46 5.95 -21.62
CA MET B 106 -28.48 4.88 -21.58
C MET B 106 -28.71 4.05 -20.33
N PRO B 107 -28.53 2.74 -20.37
CA PRO B 107 -28.52 1.99 -19.11
C PRO B 107 -27.31 2.33 -18.27
N ARG B 108 -27.54 2.42 -16.96
CA ARG B 108 -26.50 2.85 -16.03
C ARG B 108 -25.28 1.96 -16.08
N ALA B 109 -25.47 0.68 -16.42
CA ALA B 109 -24.33 -0.22 -16.57
C ALA B 109 -23.39 0.26 -17.68
N LEU B 110 -23.96 0.66 -18.82
CA LEU B 110 -23.16 1.22 -19.90
C LEU B 110 -22.53 2.54 -19.49
N GLN B 111 -23.25 3.33 -18.69
CA GLN B 111 -22.75 4.63 -18.26
C GLN B 111 -21.48 4.48 -17.44
N TRP B 112 -21.53 3.66 -16.38
CA TRP B 112 -20.33 3.48 -15.56
C TRP B 112 -19.24 2.80 -16.34
N ALA B 113 -19.60 1.99 -17.34
CA ALA B 113 -18.59 1.45 -18.23
C ALA B 113 -17.88 2.56 -18.97
N LEU B 114 -18.62 3.53 -19.49
CA LEU B 114 -18.01 4.67 -20.17
C LEU B 114 -17.15 5.48 -19.20
N ILE B 115 -17.71 5.80 -18.03
CA ILE B 115 -17.00 6.58 -17.03
C ILE B 115 -15.69 5.92 -16.64
N GLU B 116 -15.65 4.59 -16.64
CA GLU B 116 -14.45 3.88 -16.20
C GLU B 116 -13.21 4.39 -16.93
N HIS B 117 -13.35 4.74 -18.20
CA HIS B 117 -12.18 5.13 -18.97
C HIS B 117 -11.62 6.45 -18.46
N ILE B 118 -12.47 7.44 -18.21
CA ILE B 118 -11.99 8.71 -17.69
C ILE B 118 -11.33 8.49 -16.34
N LEU B 119 -12.00 7.74 -15.46
CA LEU B 119 -11.45 7.46 -14.13
C LEU B 119 -10.10 6.76 -14.24
N GLY B 120 -9.89 5.95 -15.27
CA GLY B 120 -8.61 5.29 -15.43
C GLY B 120 -7.54 6.18 -16.01
N ALA B 121 -7.93 7.15 -16.84
CA ALA B 121 -6.98 7.99 -17.54
C ALA B 121 -6.59 9.22 -16.76
N ASN B 122 -7.47 9.72 -15.91
CA ASN B 122 -7.27 10.99 -15.20
C ASN B 122 -8.50 11.16 -14.32
N PRO B 123 -8.59 10.45 -13.19
CA PRO B 123 -9.83 10.47 -12.39
C PRO B 123 -10.30 11.85 -12.00
N ALA B 124 -9.39 12.75 -11.62
CA ALA B 124 -9.80 14.09 -11.19
C ALA B 124 -10.54 14.83 -12.30
N ALA B 125 -10.26 14.50 -13.56
CA ALA B 125 -10.99 15.11 -14.66
C ALA B 125 -12.47 14.76 -14.62
N TYR B 126 -12.79 13.51 -14.30
CA TYR B 126 -14.20 13.17 -14.18
C TYR B 126 -14.85 13.95 -13.04
N MET B 127 -14.15 14.06 -11.90
CA MET B 127 -14.72 14.75 -10.75
C MET B 127 -15.08 16.20 -11.08
N TYR B 128 -14.17 16.93 -11.72
CA TYR B 128 -14.50 18.28 -12.16
C TYR B 128 -15.73 18.27 -13.05
N ALA B 129 -15.95 17.18 -13.79
CA ALA B 129 -17.02 17.09 -14.78
C ALA B 129 -18.27 16.44 -14.23
N MET B 130 -18.39 16.34 -12.91
CA MET B 130 -19.57 15.74 -12.29
C MET B 130 -20.72 16.73 -12.14
N GLY B 131 -20.57 17.96 -12.62
CA GLY B 131 -21.57 18.99 -12.46
C GLY B 131 -22.95 18.61 -12.95
N PRO B 132 -23.09 18.38 -14.25
CA PRO B 132 -24.42 18.09 -14.81
C PRO B 132 -25.20 17.01 -14.07
N GLY B 133 -24.53 15.90 -13.74
CA GLY B 133 -25.19 14.84 -13.00
C GLY B 133 -25.63 15.25 -11.60
N MET B 134 -24.90 16.17 -10.96
CA MET B 134 -25.35 16.73 -9.69
C MET B 134 -26.47 17.74 -9.91
N SER B 135 -26.44 18.47 -11.04
CA SER B 135 -27.57 19.30 -11.42
C SER B 135 -28.82 18.45 -11.67
N GLU B 136 -28.66 17.25 -12.21
CA GLU B 136 -29.80 16.37 -12.36
C GLU B 136 -30.37 15.97 -11.01
N ILE B 137 -29.50 15.82 -10.01
CA ILE B 137 -29.97 15.47 -8.67
C ILE B 137 -30.68 16.66 -8.04
N PHE B 138 -30.11 17.85 -8.18
CA PHE B 138 -30.80 19.05 -7.72
C PHE B 138 -32.14 19.18 -8.44
N TYR B 139 -32.16 18.93 -9.76
CA TYR B 139 -33.40 18.91 -10.52
C TYR B 139 -34.43 17.99 -9.86
N ASN B 140 -34.05 16.72 -9.66
CA ASN B 140 -34.99 15.73 -9.12
C ASN B 140 -35.55 16.15 -7.77
N ASN B 141 -34.76 16.85 -6.97
CA ASN B 141 -35.17 17.22 -5.63
C ASN B 141 -35.74 18.63 -5.55
N GLY B 142 -35.76 19.35 -6.65
CA GLY B 142 -36.11 20.75 -6.59
C GLY B 142 -37.58 21.04 -6.79
N THR B 143 -37.95 22.28 -6.46
CA THR B 143 -39.22 22.87 -6.84
C THR B 143 -39.25 23.12 -8.35
N ASP B 144 -40.47 23.35 -8.87
CA ASP B 144 -40.63 23.67 -10.29
C ASP B 144 -39.77 24.86 -10.68
N GLU B 145 -39.73 25.90 -9.85
CA GLU B 145 -38.86 27.03 -10.13
C GLU B 145 -37.39 26.62 -10.07
N GLN B 146 -37.04 25.80 -9.07
CA GLN B 146 -35.67 25.31 -8.97
C GLN B 146 -35.32 24.41 -10.15
N LYS B 147 -36.30 23.65 -10.67
CA LYS B 147 -36.04 22.80 -11.83
C LYS B 147 -35.59 23.62 -13.04
N LYS B 148 -36.11 24.84 -13.19
CA LYS B 148 -35.63 25.71 -14.26
C LYS B 148 -34.14 26.02 -14.08
N TRP B 149 -33.72 26.32 -12.85
CA TRP B 149 -32.32 26.62 -12.59
C TRP B 149 -31.45 25.40 -12.91
N ALA B 150 -31.88 24.23 -12.42
CA ALA B 150 -31.14 22.99 -12.65
C ALA B 150 -30.91 22.76 -14.14
N THR B 151 -31.94 22.99 -14.96
CA THR B 151 -31.80 22.83 -16.40
C THR B 151 -30.73 23.76 -16.94
N ILE B 152 -30.81 25.05 -16.59
CA ILE B 152 -29.77 26.01 -16.98
C ILE B 152 -28.39 25.48 -16.58
N ALA B 153 -28.24 25.09 -15.31
CA ALA B 153 -26.95 24.64 -14.81
C ALA B 153 -26.46 23.40 -15.56
N ALA B 154 -27.39 22.56 -16.01
CA ALA B 154 -27.00 21.34 -16.72
C ALA B 154 -26.54 21.65 -18.14
N GLU B 155 -27.35 22.37 -18.92
CA GLU B 155 -26.98 22.57 -20.31
C GLU B 155 -25.89 23.62 -20.47
N ARG B 156 -25.75 24.55 -19.53
CA ARG B 156 -24.60 25.46 -19.54
C ARG B 156 -23.35 24.81 -18.95
N GLY B 157 -23.46 23.58 -18.44
CA GLY B 157 -22.28 22.83 -18.05
C GLY B 157 -21.60 23.30 -16.79
N TRP B 158 -22.33 23.90 -15.86
CA TRP B 158 -21.73 24.39 -14.61
C TRP B 158 -21.08 23.24 -13.86
N GLY B 159 -19.99 23.56 -13.15
CA GLY B 159 -19.42 22.62 -12.19
C GLY B 159 -20.29 22.51 -10.96
N ALA B 160 -19.86 21.65 -10.02
CA ALA B 160 -20.66 21.43 -8.83
C ALA B 160 -19.85 20.76 -7.74
N THR B 161 -20.27 21.00 -6.50
CA THR B 161 -19.62 20.46 -5.32
C THR B 161 -20.67 19.88 -4.38
N MET B 162 -20.24 18.95 -3.53
CA MET B 162 -21.01 18.53 -2.37
C MET B 162 -20.25 18.99 -1.13
N VAL B 163 -20.92 19.75 -0.27
CA VAL B 163 -20.25 20.44 0.84
C VAL B 163 -20.85 19.92 2.14
N LEU B 164 -20.17 18.95 2.73
CA LEU B 164 -20.60 18.34 3.98
C LEU B 164 -19.58 18.58 5.10
N THR B 165 -18.35 18.13 4.87
CA THR B 165 -17.34 18.06 5.92
C THR B 165 -16.99 19.41 6.51
N GLU B 166 -16.98 19.47 7.85
CA GLU B 166 -16.34 20.50 8.65
C GLU B 166 -15.19 19.87 9.43
N PRO B 167 -14.28 20.69 9.98
CA PRO B 167 -13.12 20.11 10.67
C PRO B 167 -13.45 19.04 11.71
N ASP B 168 -14.51 19.24 12.51
CA ASP B 168 -14.91 18.27 13.52
C ASP B 168 -16.19 17.52 13.14
N ALA B 169 -16.53 17.49 11.84
CA ALA B 169 -17.66 16.69 11.33
C ALA B 169 -17.25 16.05 10.00
N GLY B 170 -16.69 14.84 10.09
CA GLY B 170 -16.31 14.07 8.91
C GLY B 170 -17.16 12.83 8.74
N SER B 171 -16.86 11.77 9.50
CA SER B 171 -17.75 10.62 9.51
C SER B 171 -19.06 10.97 10.20
N ASP B 172 -19.00 11.84 11.20
CA ASP B 172 -20.19 12.28 11.92
C ASP B 172 -20.68 13.58 11.31
N VAL B 173 -21.22 13.46 10.09
CA VAL B 173 -21.81 14.61 9.41
C VAL B 173 -22.75 15.38 10.34
N GLY B 174 -23.43 14.66 11.23
CA GLY B 174 -24.41 15.28 12.10
C GLY B 174 -23.85 16.26 13.10
N ALA B 175 -22.54 16.25 13.33
CA ALA B 175 -21.94 17.17 14.27
C ALA B 175 -21.67 18.55 13.67
N GLY B 176 -22.00 18.74 12.39
CA GLY B 176 -21.67 19.98 11.71
C GLY B 176 -22.40 21.18 12.28
N ARG B 177 -21.69 22.31 12.36
CA ARG B 177 -22.18 23.53 12.98
C ARG B 177 -22.56 24.63 11.99
N THR B 178 -22.26 24.49 10.70
CA THR B 178 -22.62 25.54 9.74
C THR B 178 -24.10 25.86 9.88
N LYS B 179 -24.43 27.14 9.99
CA LYS B 179 -25.80 27.55 10.26
C LYS B 179 -26.42 28.21 9.03
N ALA B 180 -27.75 28.16 8.98
CA ALA B 180 -28.54 28.75 7.92
C ALA B 180 -29.55 29.69 8.54
N VAL B 181 -29.55 30.94 8.11
CA VAL B 181 -30.38 31.99 8.71
C VAL B 181 -31.45 32.40 7.71
N GLN B 182 -32.72 32.23 8.09
CA GLN B 182 -33.82 32.50 7.18
C GLN B 182 -34.02 33.99 6.99
N GLN B 183 -34.26 34.38 5.75
CA GLN B 183 -34.48 35.77 5.40
C GLN B 183 -35.96 36.00 5.09
N PRO B 184 -36.45 37.23 5.26
CA PRO B 184 -37.88 37.48 5.04
C PRO B 184 -38.40 36.97 3.70
N ASP B 185 -37.62 37.09 2.62
CA ASP B 185 -38.10 36.69 1.30
C ASP B 185 -38.02 35.18 1.06
N GLY B 186 -37.61 34.40 2.05
CA GLY B 186 -37.56 32.97 1.90
C GLY B 186 -36.20 32.40 1.56
N THR B 187 -35.23 33.24 1.19
CA THR B 187 -33.87 32.75 1.01
C THR B 187 -33.22 32.52 2.37
N TRP B 188 -31.99 31.98 2.34
CA TRP B 188 -31.22 31.75 3.54
C TRP B 188 -29.82 32.32 3.34
N HIS B 189 -29.23 32.78 4.43
CA HIS B 189 -27.82 33.16 4.47
C HIS B 189 -27.06 32.08 5.21
N ILE B 190 -26.10 31.43 4.54
CA ILE B 190 -25.35 30.32 5.10
C ILE B 190 -24.06 30.86 5.70
N GLU B 191 -23.78 30.48 6.94
CA GLU B 191 -22.63 30.98 7.69
C GLU B 191 -21.88 29.81 8.32
N GLY B 192 -20.63 29.63 7.92
CA GLY B 192 -19.80 28.57 8.46
C GLY B 192 -18.59 28.34 7.57
N VAL B 193 -17.73 27.45 8.05
CA VAL B 193 -16.53 27.06 7.33
C VAL B 193 -16.52 25.55 7.15
N LYS B 194 -16.35 25.11 5.91
CA LYS B 194 -16.33 23.71 5.54
C LYS B 194 -14.94 23.30 5.06
N ARG B 195 -14.66 22.00 5.15
CA ARG B 195 -13.32 21.49 4.92
C ARG B 195 -13.30 20.40 3.87
N PHE B 196 -12.18 20.29 3.16
CA PHE B 196 -11.92 19.19 2.23
C PHE B 196 -12.90 19.18 1.06
N ILE B 197 -13.36 20.34 0.62
CA ILE B 197 -14.39 20.37 -0.43
C ILE B 197 -13.72 20.23 -1.80
N THR B 198 -14.06 19.16 -2.50
CA THR B 198 -13.48 18.88 -3.82
C THR B 198 -14.08 19.79 -4.88
N SER B 199 -13.21 20.34 -5.72
CA SER B 199 -13.59 21.20 -6.85
C SER B 199 -14.25 22.50 -6.41
N ALA B 200 -14.08 22.89 -5.14
CA ALA B 200 -14.71 24.11 -4.64
C ALA B 200 -14.33 25.32 -5.48
N ASP B 201 -13.13 25.33 -6.05
CA ASP B 201 -12.81 26.25 -7.14
C ASP B 201 -12.14 25.49 -8.26
N SER B 202 -12.25 26.02 -9.48
CA SER B 202 -11.94 25.22 -10.67
C SER B 202 -11.21 26.04 -11.73
N ASP B 203 -10.56 27.12 -11.35
CA ASP B 203 -10.02 28.05 -12.34
C ASP B 203 -11.19 28.49 -13.21
N ASP B 204 -10.97 28.60 -14.53
CA ASP B 204 -11.97 29.10 -15.46
C ASP B 204 -12.62 27.98 -16.25
N LEU B 205 -12.70 26.77 -15.70
CA LEU B 205 -13.31 25.68 -16.45
C LEU B 205 -14.80 25.91 -16.68
N PHE B 206 -15.48 26.62 -15.77
CA PHE B 206 -16.91 26.81 -15.85
C PHE B 206 -17.28 28.27 -15.62
N GLU B 207 -18.48 28.63 -16.05
CA GLU B 207 -19.00 29.98 -15.82
C GLU B 207 -19.71 30.11 -14.49
N ASN B 208 -20.02 29.00 -13.84
CA ASN B 208 -20.56 29.02 -12.49
C ASN B 208 -20.27 27.67 -11.83
N ILE B 209 -20.47 27.63 -10.52
CA ILE B 209 -20.40 26.41 -9.73
C ILE B 209 -21.61 26.38 -8.82
N MET B 210 -22.28 25.25 -8.75
CA MET B 210 -23.37 25.06 -7.82
C MET B 210 -22.85 24.28 -6.61
N HIS B 211 -22.81 24.93 -5.46
CA HIS B 211 -22.44 24.26 -4.21
C HIS B 211 -23.71 23.71 -3.57
N LEU B 212 -23.75 22.39 -3.37
CA LEU B 212 -24.83 21.76 -2.61
C LEU B 212 -24.36 21.64 -1.16
N VAL B 213 -24.90 22.49 -0.29
CA VAL B 213 -24.39 22.71 1.07
C VAL B 213 -25.36 22.18 2.11
N LEU B 214 -24.87 21.34 3.02
CA LEU B 214 -25.62 21.01 4.22
C LEU B 214 -25.36 22.08 5.27
N ALA B 215 -26.41 22.54 5.92
CA ALA B 215 -26.29 23.52 6.98
C ALA B 215 -27.49 23.37 7.90
N ARG B 216 -27.33 23.78 9.16
CA ARG B 216 -28.36 23.59 10.16
C ARG B 216 -29.14 24.88 10.34
N PRO B 217 -30.41 24.94 9.96
CA PRO B 217 -31.19 26.15 10.22
C PRO B 217 -31.25 26.47 11.71
N GLU B 218 -31.20 27.76 12.02
CA GLU B 218 -31.29 28.25 13.39
C GLU B 218 -32.46 27.61 14.11
N GLY B 219 -32.16 26.88 15.18
CA GLY B 219 -33.19 26.28 16.01
C GLY B 219 -33.67 24.91 15.59
N ALA B 220 -33.03 24.30 14.59
CA ALA B 220 -33.37 22.94 14.22
C ALA B 220 -32.69 21.94 15.15
N GLY B 221 -33.22 20.73 15.17
CA GLY B 221 -32.71 19.70 16.06
C GLY B 221 -31.27 19.35 15.80
N PRO B 222 -30.72 18.41 16.60
CA PRO B 222 -29.31 18.02 16.45
C PRO B 222 -29.13 16.88 15.45
N GLY B 223 -27.88 16.42 15.28
CA GLY B 223 -27.61 15.29 14.42
C GLY B 223 -27.89 15.59 12.96
N THR B 224 -27.90 14.52 12.16
CA THR B 224 -28.11 14.66 10.73
C THR B 224 -29.54 15.04 10.37
N LYS B 225 -30.51 14.75 11.24
CA LYS B 225 -31.91 15.05 10.91
C LYS B 225 -32.24 16.54 11.01
N GLY B 226 -31.48 17.31 11.77
CA GLY B 226 -31.66 18.75 11.80
C GLY B 226 -31.14 19.50 10.59
N LEU B 227 -30.44 18.80 9.70
CA LEU B 227 -29.75 19.43 8.59
C LEU B 227 -30.68 19.62 7.39
N SER B 228 -30.40 20.67 6.63
CA SER B 228 -31.12 20.96 5.40
C SER B 228 -30.09 21.20 4.32
N LEU B 229 -30.47 20.94 3.08
CA LEU B 229 -29.59 21.08 1.93
C LEU B 229 -29.92 22.39 1.20
N PHE B 230 -28.88 23.09 0.77
CA PHE B 230 -29.03 24.40 0.15
C PHE B 230 -28.30 24.48 -1.17
N PHE B 231 -28.94 25.15 -2.14
CA PHE B 231 -28.35 25.45 -3.43
C PHE B 231 -27.64 26.80 -3.31
N VAL B 232 -26.31 26.78 -3.32
CA VAL B 232 -25.49 27.95 -3.09
C VAL B 232 -24.58 28.14 -4.30
N PRO B 233 -24.86 29.11 -5.17
CA PRO B 233 -24.04 29.28 -6.37
C PRO B 233 -22.89 30.24 -6.14
N LYS B 234 -21.72 29.87 -6.66
CA LYS B 234 -20.57 30.76 -6.60
C LYS B 234 -20.93 32.12 -7.16
N PHE B 235 -21.69 32.16 -8.24
CA PHE B 235 -22.16 33.39 -8.84
C PHE B 235 -23.67 33.43 -8.78
N HIS B 236 -24.22 34.60 -8.44
CA HIS B 236 -25.63 34.85 -8.70
C HIS B 236 -25.88 34.85 -10.20
N PHE B 237 -27.13 34.57 -10.58
CA PHE B 237 -27.43 34.49 -12.00
C PHE B 237 -28.89 34.86 -12.23
N ASP B 238 -29.17 35.25 -13.47
CA ASP B 238 -30.54 35.50 -13.89
C ASP B 238 -31.33 34.18 -13.88
N HIS B 239 -32.39 34.12 -13.08
CA HIS B 239 -33.16 32.89 -12.97
C HIS B 239 -33.89 32.56 -14.26
N GLU B 240 -33.98 33.50 -15.21
CA GLU B 240 -34.65 33.25 -16.48
C GLU B 240 -33.64 32.92 -17.58
N THR B 241 -32.74 33.86 -17.88
CA THR B 241 -31.82 33.69 -19.00
C THR B 241 -30.56 32.91 -18.65
N GLY B 242 -30.27 32.73 -17.37
CA GLY B 242 -29.02 32.11 -16.96
C GLY B 242 -27.85 33.06 -16.89
N GLU B 243 -28.02 34.31 -17.30
CA GLU B 243 -26.93 35.28 -17.33
C GLU B 243 -26.24 35.40 -15.97
N ILE B 244 -24.92 35.37 -15.99
CA ILE B 244 -24.14 35.37 -14.75
C ILE B 244 -24.06 36.77 -14.17
N GLY B 245 -24.30 36.87 -12.87
CA GLY B 245 -24.26 38.14 -12.17
C GLY B 245 -23.19 38.25 -11.10
N GLU B 246 -23.54 38.92 -10.00
CA GLU B 246 -22.57 39.28 -8.97
C GLU B 246 -22.12 38.07 -8.14
N ARG B 247 -20.89 38.15 -7.64
CA ARG B 247 -20.32 37.07 -6.85
C ARG B 247 -21.11 36.88 -5.55
N ASN B 248 -21.39 35.63 -5.23
CA ASN B 248 -22.00 35.21 -3.98
C ASN B 248 -20.90 34.98 -2.94
N GLY B 249 -21.28 35.09 -1.67
CA GLY B 249 -20.32 35.11 -0.58
C GLY B 249 -19.84 33.76 -0.10
N VAL B 250 -19.34 32.95 -1.02
CA VAL B 250 -18.82 31.61 -0.75
C VAL B 250 -17.44 31.57 -1.37
N PHE B 251 -16.39 31.57 -0.54
CA PHE B 251 -15.02 31.72 -1.00
C PHE B 251 -14.13 30.63 -0.43
N VAL B 252 -13.25 30.12 -1.28
CA VAL B 252 -12.23 29.17 -0.85
C VAL B 252 -11.13 29.93 -0.13
N THR B 253 -10.72 29.42 1.04
CA THR B 253 -9.70 30.06 1.87
C THR B 253 -8.49 29.16 2.07
N ASN B 254 -8.42 28.01 1.40
CA ASN B 254 -7.33 27.07 1.61
C ASN B 254 -7.40 25.91 0.61
N VAL B 255 -6.24 25.43 0.18
CA VAL B 255 -6.16 24.27 -0.72
C VAL B 255 -5.12 23.32 -0.18
N GLU B 256 -5.49 22.06 0.01
CA GLU B 256 -4.65 21.11 0.72
C GLU B 256 -3.49 20.64 -0.16
N HIS B 257 -2.37 20.29 0.49
CA HIS B 257 -1.27 19.58 -0.15
C HIS B 257 -1.42 18.10 0.18
N LYS B 258 -1.71 17.27 -0.83
CA LYS B 258 -2.10 15.88 -0.62
C LYS B 258 -1.05 14.91 -1.12
N MET B 259 -1.17 13.66 -0.64
CA MET B 259 -0.30 12.58 -1.11
C MET B 259 -0.41 12.35 -2.61
N GLY B 260 -1.64 12.33 -3.13
CA GLY B 260 -1.90 12.11 -4.53
C GLY B 260 -3.15 12.86 -4.95
N LEU B 261 -3.66 12.53 -6.14
CA LEU B 261 -4.84 13.21 -6.67
C LEU B 261 -4.68 14.72 -6.60
N LYS B 262 -3.47 15.18 -6.92
CA LYS B 262 -3.08 16.55 -6.62
C LYS B 262 -3.89 17.55 -7.44
N VAL B 263 -4.20 17.22 -8.70
CA VAL B 263 -4.80 18.21 -9.59
C VAL B 263 -6.25 18.49 -9.21
N SER B 264 -6.77 17.78 -8.20
CA SER B 264 -8.11 18.01 -7.70
C SER B 264 -8.04 18.97 -6.51
N ALA B 265 -8.47 20.22 -6.73
CA ALA B 265 -8.46 21.21 -5.68
C ALA B 265 -9.33 20.78 -4.51
N THR B 266 -8.73 20.54 -3.35
CA THR B 266 -9.42 20.09 -2.15
C THR B 266 -9.39 21.25 -1.15
N CYS B 267 -10.51 21.95 -1.04
CA CYS B 267 -10.51 23.31 -0.54
C CYS B 267 -11.25 23.46 0.78
N GLU B 268 -10.75 24.37 1.61
CA GLU B 268 -11.53 24.93 2.71
C GLU B 268 -12.45 26.00 2.14
N LEU B 269 -13.74 25.91 2.44
CA LEU B 269 -14.76 26.79 1.86
C LEU B 269 -15.42 27.58 2.96
N SER B 270 -15.33 28.90 2.88
CA SER B 270 -15.85 29.80 3.90
C SER B 270 -17.12 30.47 3.36
N LEU B 271 -18.23 30.26 4.06
CA LEU B 271 -19.53 30.77 3.66
C LEU B 271 -19.93 31.88 4.62
N GLY B 272 -20.04 33.11 4.11
CA GLY B 272 -20.53 34.20 4.92
C GLY B 272 -19.51 34.87 5.79
N GLN B 273 -18.21 34.67 5.52
CA GLN B 273 -17.17 35.16 6.41
C GLN B 273 -16.43 36.38 5.90
N HIS B 274 -16.67 36.83 4.67
CA HIS B 274 -15.91 37.93 4.06
C HIS B 274 -16.80 39.13 3.75
N GLY B 275 -17.75 39.44 4.63
CA GLY B 275 -18.59 40.62 4.51
C GLY B 275 -19.68 40.54 3.46
N ILE B 276 -19.70 39.51 2.63
CA ILE B 276 -20.73 39.30 1.62
C ILE B 276 -21.51 38.05 1.99
N PRO B 277 -22.83 38.09 2.03
CA PRO B 277 -23.59 36.90 2.43
C PRO B 277 -23.51 35.78 1.40
N ALA B 278 -23.51 34.56 1.91
CA ALA B 278 -23.65 33.37 1.07
C ALA B 278 -25.14 33.04 1.01
N VAL B 279 -25.81 33.52 -0.04
CA VAL B 279 -27.22 33.22 -0.19
C VAL B 279 -27.39 31.75 -0.58
N GLY B 280 -28.32 31.08 0.08
CA GLY B 280 -28.66 29.72 -0.28
C GLY B 280 -30.16 29.54 -0.38
N TRP B 281 -30.56 28.60 -1.22
CA TRP B 281 -31.96 28.29 -1.45
C TRP B 281 -32.26 26.90 -0.92
N LEU B 282 -33.35 26.76 -0.17
CA LEU B 282 -33.71 25.48 0.42
C LEU B 282 -34.12 24.51 -0.69
N VAL B 283 -33.32 23.47 -0.91
CA VAL B 283 -33.56 22.58 -2.03
C VAL B 283 -34.90 21.88 -1.83
N GLY B 284 -35.78 21.97 -2.83
CA GLY B 284 -37.13 21.49 -2.77
C GLY B 284 -37.97 22.23 -1.78
N GLU B 285 -37.44 23.29 -1.19
CA GLU B 285 -38.12 24.11 -0.19
C GLU B 285 -38.74 23.22 0.88
N VAL B 286 -38.01 22.16 1.26
CA VAL B 286 -38.39 21.29 2.37
C VAL B 286 -37.14 21.05 3.19
N HIS B 287 -37.35 20.64 4.43
CA HIS B 287 -36.25 20.41 5.37
C HIS B 287 -36.00 18.91 5.41
N ASN B 288 -34.98 18.47 4.67
CA ASN B 288 -34.72 17.05 4.42
C ASN B 288 -33.30 16.85 3.90
N GLY B 289 -32.34 17.53 4.53
CA GLY B 289 -30.98 17.59 4.06
C GLY B 289 -30.27 16.27 3.83
N ILE B 290 -30.17 15.43 4.86
CA ILE B 290 -29.32 14.25 4.76
C ILE B 290 -29.93 13.25 3.79
N ALA B 291 -31.26 13.12 3.79
CA ALA B 291 -31.92 12.30 2.79
C ALA B 291 -31.60 12.80 1.38
N GLN B 292 -31.69 14.12 1.17
CA GLN B 292 -31.45 14.68 -0.15
C GLN B 292 -29.99 14.56 -0.55
N MET B 293 -29.08 14.87 0.37
CA MET B 293 -27.66 14.82 0.04
C MET B 293 -27.22 13.40 -0.28
N PHE B 294 -27.90 12.40 0.29
CA PHE B 294 -27.47 11.03 0.06
C PHE B 294 -27.69 10.58 -1.38
N ASP B 295 -28.57 11.23 -2.13
CA ASP B 295 -28.63 10.97 -3.56
C ASP B 295 -27.28 11.22 -4.20
N VAL B 296 -26.61 12.28 -3.77
CA VAL B 296 -25.28 12.61 -4.26
C VAL B 296 -24.24 11.70 -3.61
N ILE B 297 -24.43 11.33 -2.34
CA ILE B 297 -23.47 10.48 -1.67
C ILE B 297 -23.47 9.10 -2.30
N GLU B 298 -24.63 8.62 -2.73
CA GLU B 298 -24.69 7.35 -3.44
C GLU B 298 -23.89 7.43 -4.73
N GLN B 299 -24.09 8.50 -5.51
CA GLN B 299 -23.31 8.71 -6.72
C GLN B 299 -21.82 8.68 -6.41
N ALA B 300 -21.40 9.45 -5.41
CA ALA B 300 -19.98 9.58 -5.10
C ALA B 300 -19.39 8.25 -4.66
N ARG B 301 -20.12 7.49 -3.86
CA ARG B 301 -19.61 6.20 -3.43
C ARG B 301 -19.45 5.26 -4.62
N MET B 302 -20.40 5.28 -5.56
CA MET B 302 -20.30 4.45 -6.75
C MET B 302 -19.07 4.82 -7.56
N MET B 303 -18.83 6.13 -7.70
CA MET B 303 -17.73 6.62 -8.52
C MET B 303 -16.38 6.27 -7.89
N VAL B 304 -16.23 6.52 -6.58
CA VAL B 304 -14.96 6.21 -5.92
C VAL B 304 -14.58 4.77 -6.16
N GLY B 305 -15.54 3.85 -5.98
CA GLY B 305 -15.25 2.45 -6.20
C GLY B 305 -14.82 2.17 -7.62
N THR B 306 -15.60 2.68 -8.59
CA THR B 306 -15.22 2.49 -9.98
C THR B 306 -13.84 3.09 -10.24
N LYS B 307 -13.55 4.23 -9.61
CA LYS B 307 -12.23 4.84 -9.75
C LYS B 307 -11.14 3.90 -9.27
N ALA B 308 -11.31 3.37 -8.06
CA ALA B 308 -10.34 2.40 -7.55
C ALA B 308 -10.18 1.24 -8.51
N ILE B 309 -11.29 0.77 -9.09
CA ILE B 309 -11.23 -0.42 -9.94
C ILE B 309 -10.58 -0.07 -11.27
N ALA B 310 -10.93 1.09 -11.84
CA ALA B 310 -10.29 1.52 -13.08
C ALA B 310 -8.78 1.63 -12.90
N THR B 311 -8.33 2.14 -11.75
CA THR B 311 -6.91 2.39 -11.56
C THR B 311 -6.12 1.10 -11.47
N LEU B 312 -6.72 0.06 -10.87
CA LEU B 312 -6.03 -1.22 -10.79
C LEU B 312 -5.96 -1.88 -12.15
N SER B 313 -6.98 -1.69 -12.98
CA SER B 313 -7.00 -2.34 -14.29
C SER B 313 -5.87 -1.84 -15.16
N THR B 314 -5.70 -0.52 -15.25
CA THR B 314 -4.56 -0.01 -16.01
C THR B 314 -3.25 -0.26 -15.27
N GLY B 315 -3.31 -0.39 -13.95
CA GLY B 315 -2.13 -0.84 -13.21
C GLY B 315 -1.69 -2.22 -13.66
N TYR B 316 -2.63 -3.18 -13.66
CA TYR B 316 -2.30 -4.53 -14.08
C TYR B 316 -1.83 -4.57 -15.53
N LEU B 317 -2.51 -3.86 -16.42
CA LEU B 317 -2.16 -3.93 -17.84
C LEU B 317 -0.79 -3.34 -18.08
N ASN B 318 -0.44 -2.24 -17.42
CA ASN B 318 0.92 -1.73 -17.51
C ASN B 318 1.91 -2.79 -17.01
N ALA B 319 1.61 -3.40 -15.86
CA ALA B 319 2.52 -4.42 -15.33
C ALA B 319 2.68 -5.58 -16.30
N LEU B 320 1.60 -5.98 -16.97
CA LEU B 320 1.65 -7.10 -17.90
C LEU B 320 2.54 -6.79 -19.10
N GLU B 321 2.45 -5.58 -19.63
CA GLU B 321 3.28 -5.22 -20.77
C GLU B 321 4.75 -5.21 -20.38
N TYR B 322 5.08 -4.65 -19.22
CA TYR B 322 6.46 -4.66 -18.76
C TYR B 322 6.97 -6.08 -18.65
N ALA B 323 6.25 -6.92 -17.89
CA ALA B 323 6.69 -8.29 -17.67
C ALA B 323 6.90 -9.02 -18.98
N LYS B 324 6.08 -8.72 -19.98
CA LYS B 324 6.21 -9.38 -21.26
C LYS B 324 7.53 -9.03 -21.96
N GLU B 325 8.08 -7.84 -21.69
CA GLU B 325 9.24 -7.38 -22.43
C GLU B 325 10.55 -7.53 -21.66
N ARG B 326 10.50 -7.83 -20.36
CA ARG B 326 11.66 -7.70 -19.49
C ARG B 326 12.34 -9.06 -19.32
N VAL B 327 13.61 -9.14 -19.74
CA VAL B 327 14.40 -10.35 -19.64
C VAL B 327 15.24 -10.28 -18.38
N GLN B 328 15.11 -11.29 -17.52
CA GLN B 328 15.89 -11.36 -16.29
C GLN B 328 15.86 -12.80 -15.81
N GLY B 329 17.04 -13.43 -15.76
CA GLY B 329 17.17 -14.74 -15.17
C GLY B 329 16.87 -15.87 -16.14
N ALA B 330 17.10 -17.08 -15.65
CA ALA B 330 16.77 -18.30 -16.39
C ALA B 330 15.46 -18.88 -15.89
N ASP B 331 14.85 -19.71 -16.73
CA ASP B 331 13.73 -20.55 -16.29
C ASP B 331 14.17 -21.37 -15.08
N MET B 332 13.26 -21.53 -14.10
CA MET B 332 13.69 -22.19 -12.88
C MET B 332 13.83 -23.69 -13.07
N THR B 333 13.29 -24.25 -14.15
CA THR B 333 13.66 -25.61 -14.52
C THR B 333 15.11 -25.71 -14.94
N GLN B 334 15.79 -24.58 -15.09
CA GLN B 334 17.19 -24.52 -15.50
C GLN B 334 18.00 -23.70 -14.51
N MET B 335 17.48 -23.55 -13.29
CA MET B 335 18.06 -22.64 -12.30
C MET B 335 19.55 -22.91 -12.07
N THR B 336 19.95 -24.18 -11.98
CA THR B 336 21.32 -24.51 -11.56
C THR B 336 22.36 -24.19 -12.64
N ASP B 337 21.97 -24.30 -13.91
CA ASP B 337 22.87 -24.03 -15.03
C ASP B 337 22.97 -22.52 -15.23
N LYS B 338 24.15 -21.97 -14.96
CA LYS B 338 24.40 -20.54 -15.04
C LYS B 338 24.72 -20.08 -16.47
N THR B 339 24.57 -20.98 -17.44
CA THR B 339 24.70 -20.68 -18.85
C THR B 339 23.37 -20.85 -19.57
N ALA B 340 22.31 -21.20 -18.85
CA ALA B 340 21.00 -21.39 -19.45
C ALA B 340 20.53 -20.10 -20.10
N PRO B 341 19.71 -20.19 -21.14
CA PRO B 341 19.18 -18.97 -21.76
C PRO B 341 18.42 -18.12 -20.76
N ARG B 342 18.54 -16.80 -20.90
CA ARG B 342 17.73 -15.86 -20.15
C ARG B 342 16.30 -15.88 -20.69
N VAL B 343 15.34 -15.59 -19.82
CA VAL B 343 13.93 -15.62 -20.18
C VAL B 343 13.24 -14.34 -19.75
N THR B 344 12.14 -14.01 -20.44
CA THR B 344 11.29 -12.92 -19.98
C THR B 344 10.55 -13.36 -18.72
N ILE B 345 10.32 -12.40 -17.83
CA ILE B 345 9.92 -12.72 -16.46
C ILE B 345 8.52 -13.29 -16.36
N THR B 346 7.70 -13.18 -17.40
CA THR B 346 6.43 -13.88 -17.35
C THR B 346 6.63 -15.39 -17.23
N HIS B 347 7.85 -15.87 -17.44
CA HIS B 347 8.15 -17.29 -17.26
C HIS B 347 8.30 -17.66 -15.78
N HIS B 348 8.62 -16.70 -14.94
CA HIS B 348 8.93 -16.98 -13.55
C HIS B 348 7.64 -17.22 -12.77
N PRO B 349 7.55 -18.32 -12.01
CA PRO B 349 6.28 -18.59 -11.30
C PRO B 349 5.78 -17.43 -10.47
N ASP B 350 6.62 -16.82 -9.65
CA ASP B 350 6.11 -15.78 -8.76
C ASP B 350 5.58 -14.59 -9.52
N VAL B 351 6.19 -14.25 -10.67
CA VAL B 351 5.67 -13.17 -11.49
C VAL B 351 4.31 -13.56 -12.07
N ARG B 352 4.16 -14.83 -12.45
CA ARG B 352 2.88 -15.31 -12.97
C ARG B 352 1.83 -15.40 -11.87
N ARG B 353 2.24 -15.78 -10.66
CA ARG B 353 1.33 -15.75 -9.54
C ARG B 353 0.79 -14.34 -9.31
N SER B 354 1.67 -13.35 -9.44
CA SER B 354 1.27 -11.97 -9.16
C SER B 354 0.41 -11.40 -10.27
N LEU B 355 0.80 -11.63 -11.53
CA LEU B 355 -0.04 -11.21 -12.65
C LEU B 355 -1.43 -11.82 -12.55
N MET B 356 -1.49 -13.14 -12.27
CA MET B 356 -2.78 -13.78 -12.07
C MET B 356 -3.56 -13.11 -10.95
N THR B 357 -2.87 -12.69 -9.90
CA THR B 357 -3.56 -12.05 -8.78
C THR B 357 -4.09 -10.68 -9.20
N GLN B 358 -3.26 -9.88 -9.87
CA GLN B 358 -3.73 -8.60 -10.39
C GLN B 358 -4.90 -8.79 -11.35
N LYS B 359 -4.80 -9.79 -12.25
CA LYS B 359 -5.86 -10.01 -13.24
C LYS B 359 -7.17 -10.44 -12.57
N ALA B 360 -7.11 -11.49 -11.73
CA ALA B 360 -8.34 -12.03 -11.15
C ALA B 360 -9.10 -10.97 -10.37
N TYR B 361 -8.39 -10.14 -9.60
CA TYR B 361 -9.08 -9.10 -8.83
C TYR B 361 -9.52 -7.93 -9.72
N ALA B 362 -8.66 -7.49 -10.63
CA ALA B 362 -9.04 -6.43 -11.55
C ALA B 362 -10.34 -6.78 -12.28
N GLU B 363 -10.38 -7.97 -12.88
CA GLU B 363 -11.56 -8.38 -13.65
C GLU B 363 -12.70 -8.81 -12.75
N GLY B 364 -12.39 -9.33 -11.56
CA GLY B 364 -13.44 -9.60 -10.60
C GLY B 364 -14.15 -8.33 -10.16
N LEU B 365 -13.38 -7.25 -9.94
CA LEU B 365 -13.97 -6.00 -9.53
C LEU B 365 -14.71 -5.31 -10.67
N ARG B 366 -14.23 -5.45 -11.90
CA ARG B 366 -14.99 -4.90 -13.02
C ARG B 366 -16.37 -5.54 -13.07
N ALA B 367 -16.46 -6.85 -12.84
CA ALA B 367 -17.74 -7.52 -12.82
C ALA B 367 -18.61 -7.03 -11.67
N ILE B 368 -18.01 -6.76 -10.50
CA ILE B 368 -18.82 -6.35 -9.36
C ILE B 368 -19.50 -5.01 -9.63
N TYR B 369 -18.77 -4.03 -10.18
CA TYR B 369 -19.39 -2.72 -10.34
C TYR B 369 -20.37 -2.72 -11.51
N LEU B 370 -20.15 -3.57 -12.52
CA LEU B 370 -21.11 -3.67 -13.60
C LEU B 370 -22.33 -4.45 -13.16
N TYR B 371 -22.12 -5.48 -12.34
CA TYR B 371 -23.23 -6.17 -11.69
C TYR B 371 -24.07 -5.19 -10.88
N THR B 372 -23.43 -4.43 -10.00
CA THR B 372 -24.13 -3.46 -9.19
C THR B 372 -24.96 -2.51 -10.04
N ALA B 373 -24.42 -2.13 -11.20
CA ALA B 373 -25.09 -1.13 -12.04
C ALA B 373 -26.30 -1.71 -12.76
N THR B 374 -26.41 -3.04 -12.88
CA THR B 374 -27.59 -3.60 -13.53
C THR B 374 -28.82 -3.58 -12.64
N PHE B 375 -28.69 -3.12 -11.39
CA PHE B 375 -29.84 -2.92 -10.51
C PHE B 375 -30.21 -1.46 -10.33
N GLN B 376 -29.59 -0.54 -11.08
CA GLN B 376 -29.85 0.88 -10.96
C GLN B 376 -30.88 1.40 -11.96
N ASP B 377 -31.25 0.60 -12.95
CA ASP B 377 -32.46 0.84 -13.74
C ASP B 377 -33.45 -0.27 -13.43
N ALA B 378 -34.66 0.10 -13.01
CA ALA B 378 -35.70 -0.89 -12.84
C ALA B 378 -35.93 -1.66 -14.14
N GLU B 379 -35.85 -0.96 -15.27
CA GLU B 379 -36.06 -1.61 -16.57
C GLU B 379 -35.01 -2.68 -16.83
N VAL B 380 -33.75 -2.40 -16.49
CA VAL B 380 -32.68 -3.37 -16.70
C VAL B 380 -32.80 -4.51 -15.71
N ALA B 381 -33.04 -4.19 -14.44
CA ALA B 381 -33.18 -5.22 -13.41
C ALA B 381 -34.26 -6.22 -13.79
N GLN B 382 -35.38 -5.71 -14.34
CA GLN B 382 -36.45 -6.58 -14.82
C GLN B 382 -35.97 -7.49 -15.93
N ALA B 383 -35.31 -6.91 -16.95
CA ALA B 383 -34.96 -7.68 -18.13
C ALA B 383 -33.84 -8.68 -17.86
N VAL B 384 -32.83 -8.27 -17.08
CA VAL B 384 -31.64 -9.10 -16.91
C VAL B 384 -31.76 -10.07 -15.74
N HIS B 385 -32.50 -9.68 -14.69
CA HIS B 385 -32.52 -10.41 -13.43
C HIS B 385 -33.89 -10.90 -13.02
N GLY B 386 -34.96 -10.37 -13.61
CA GLY B 386 -36.31 -10.74 -13.23
C GLY B 386 -36.70 -10.23 -11.87
N VAL B 387 -36.34 -8.98 -11.56
CA VAL B 387 -36.51 -8.42 -10.22
C VAL B 387 -37.31 -7.14 -10.32
N ASP B 388 -38.22 -6.95 -9.36
CA ASP B 388 -39.07 -5.77 -9.35
C ASP B 388 -38.28 -4.56 -8.88
N GLY B 389 -38.83 -3.38 -9.13
CA GLY B 389 -38.11 -2.15 -8.85
C GLY B 389 -37.66 -2.05 -7.40
N ASP B 390 -38.49 -2.52 -6.47
CA ASP B 390 -38.17 -2.34 -5.05
C ASP B 390 -36.99 -3.21 -4.63
N LEU B 391 -36.96 -4.48 -5.06
CA LEU B 391 -35.82 -5.33 -4.74
C LEU B 391 -34.57 -4.86 -5.46
N ALA B 392 -34.72 -4.37 -6.70
CA ALA B 392 -33.59 -3.84 -7.44
C ALA B 392 -32.90 -2.72 -6.67
N ALA B 393 -33.69 -1.75 -6.18
CA ALA B 393 -33.12 -0.68 -5.37
C ALA B 393 -32.45 -1.22 -4.12
N ARG B 394 -33.05 -2.24 -3.49
CA ARG B 394 -32.46 -2.82 -2.29
C ARG B 394 -31.12 -3.49 -2.62
N VAL B 395 -31.06 -4.25 -3.72
CA VAL B 395 -29.82 -4.93 -4.06
C VAL B 395 -28.75 -3.92 -4.47
N ASN B 396 -29.14 -2.86 -5.16
CA ASN B 396 -28.16 -1.83 -5.50
C ASN B 396 -27.61 -1.18 -4.23
N ASP B 397 -28.47 -0.95 -3.23
CA ASP B 397 -28.01 -0.35 -1.98
C ASP B 397 -27.09 -1.29 -1.23
N LEU B 398 -27.35 -2.60 -1.31
CA LEU B 398 -26.48 -3.56 -0.65
C LEU B 398 -25.09 -3.53 -1.26
N LEU B 399 -25.00 -3.38 -2.57
CA LEU B 399 -23.72 -3.57 -3.24
C LEU B 399 -22.85 -2.32 -3.22
N LEU B 400 -23.43 -1.13 -3.12
CA LEU B 400 -22.61 0.10 -3.11
C LEU B 400 -21.46 0.03 -2.12
N PRO B 401 -21.66 -0.29 -0.85
CA PRO B 401 -20.51 -0.40 0.06
C PRO B 401 -19.53 -1.50 -0.32
N ILE B 402 -19.96 -2.53 -1.06
CA ILE B 402 -19.00 -3.46 -1.64
C ILE B 402 -18.16 -2.74 -2.69
N VAL B 403 -18.82 -2.11 -3.66
CA VAL B 403 -18.11 -1.38 -4.69
C VAL B 403 -17.14 -0.37 -4.07
N LYS B 404 -17.60 0.37 -3.07
CA LYS B 404 -16.78 1.41 -2.48
C LYS B 404 -15.75 0.82 -1.51
N GLY B 405 -16.22 0.10 -0.50
CA GLY B 405 -15.34 -0.42 0.54
C GLY B 405 -14.42 -1.53 0.07
N PHE B 406 -14.98 -2.58 -0.53
CA PHE B 406 -14.15 -3.65 -1.05
C PHE B 406 -13.35 -3.20 -2.27
N GLY B 407 -13.96 -2.38 -3.13
CA GLY B 407 -13.21 -1.88 -4.29
C GLY B 407 -12.05 -0.99 -3.89
N SER B 408 -12.22 -0.04 -3.01
CA SER B 408 -11.10 0.83 -2.59
C SER B 408 -9.98 0.04 -1.98
N GLU B 409 -10.26 -0.88 -1.08
CA GLU B 409 -9.17 -1.50 -0.37
C GLU B 409 -8.46 -2.50 -1.25
N THR B 410 -9.20 -3.20 -2.12
CA THR B 410 -8.60 -4.21 -2.96
C THR B 410 -7.70 -3.60 -4.02
N ALA B 411 -8.18 -2.58 -4.72
CA ALA B 411 -7.39 -1.95 -5.77
C ALA B 411 -6.06 -1.46 -5.22
N TYR B 412 -6.10 -0.76 -4.09
CA TYR B 412 -4.87 -0.22 -3.51
C TYR B 412 -3.89 -1.34 -3.15
N ALA B 413 -4.37 -2.39 -2.48
CA ALA B 413 -3.48 -3.45 -2.05
C ALA B 413 -2.84 -4.16 -3.24
N LYS B 414 -3.65 -4.54 -4.23
CA LYS B 414 -3.14 -5.29 -5.37
C LYS B 414 -2.26 -4.44 -6.27
N LEU B 415 -2.41 -3.12 -6.24
CA LEU B 415 -1.48 -2.27 -6.96
C LEU B 415 -0.06 -2.50 -6.49
N THR B 416 0.11 -2.89 -5.22
CA THR B 416 1.42 -3.25 -4.69
C THR B 416 2.06 -4.33 -5.55
N GLU B 417 1.26 -5.28 -6.04
CA GLU B 417 1.77 -6.33 -6.94
C GLU B 417 2.13 -5.75 -8.30
N SER B 418 1.29 -4.85 -8.84
CA SER B 418 1.61 -4.22 -10.11
C SER B 418 2.97 -3.54 -10.07
N LEU B 419 3.24 -2.79 -9.00
CA LEU B 419 4.52 -2.11 -8.89
C LEU B 419 5.65 -3.10 -8.71
N GLN B 420 5.43 -4.13 -7.89
CA GLN B 420 6.46 -5.15 -7.67
C GLN B 420 6.90 -5.78 -8.98
N THR B 421 5.94 -6.06 -9.86
CA THR B 421 6.25 -6.74 -11.12
C THR B 421 7.30 -5.98 -11.91
N LEU B 422 7.40 -4.66 -11.69
CA LEU B 422 8.37 -3.82 -12.40
C LEU B 422 9.73 -3.83 -11.73
N GLY B 423 9.89 -4.52 -10.62
CA GLY B 423 11.14 -4.44 -9.91
C GLY B 423 11.49 -3.01 -9.54
N GLY B 424 12.79 -2.72 -9.51
CA GLY B 424 13.26 -1.42 -9.07
C GLY B 424 12.64 -0.28 -9.87
N SER B 425 12.41 -0.49 -11.16
CA SER B 425 11.79 0.53 -12.00
C SER B 425 10.38 0.88 -11.54
N GLY B 426 9.75 -0.01 -10.77
CA GLY B 426 8.44 0.28 -10.23
C GLY B 426 8.43 1.46 -9.28
N PHE B 427 9.57 1.76 -8.65
CA PHE B 427 9.72 2.88 -7.72
C PHE B 427 9.99 4.20 -8.41
N LEU B 428 10.07 4.21 -9.73
CA LEU B 428 10.36 5.41 -10.50
C LEU B 428 9.09 6.09 -10.97
N GLN B 429 9.13 7.42 -11.00
CA GLN B 429 8.02 8.18 -11.57
C GLN B 429 7.92 8.00 -13.08
N ASP B 430 9.03 7.60 -13.72
CA ASP B 430 9.01 7.35 -15.16
C ASP B 430 7.88 6.42 -15.57
N TYR B 431 7.38 5.61 -14.64
CA TYR B 431 6.27 4.71 -14.90
C TYR B 431 5.09 5.13 -14.03
N PRO B 432 3.86 4.82 -14.44
CA PRO B 432 2.67 5.43 -13.82
C PRO B 432 2.16 4.76 -12.57
N ILE B 433 2.75 3.65 -12.10
CA ILE B 433 2.10 2.87 -11.06
C ILE B 433 2.22 3.58 -9.71
N GLU B 434 3.37 4.19 -9.42
CA GLU B 434 3.52 4.85 -8.13
C GLU B 434 2.50 5.97 -7.96
N GLN B 435 2.14 6.63 -9.06
CA GLN B 435 1.07 7.62 -8.98
C GLN B 435 -0.29 6.92 -8.82
N TYR B 436 -0.52 5.82 -9.55
CA TYR B 436 -1.73 5.05 -9.34
C TYR B 436 -1.94 4.81 -7.84
N ILE B 437 -0.90 4.32 -7.16
CA ILE B 437 -0.97 4.05 -5.74
C ILE B 437 -1.31 5.32 -4.97
N ARG B 438 -0.51 6.38 -5.17
CA ARG B 438 -0.73 7.62 -4.44
C ARG B 438 -2.11 8.19 -4.72
N ASP B 439 -2.56 8.14 -5.97
CA ASP B 439 -3.87 8.67 -6.35
C ASP B 439 -5.00 7.81 -5.82
N SER B 440 -4.69 6.58 -5.47
CA SER B 440 -5.68 5.57 -5.13
C SER B 440 -5.90 5.44 -3.63
N LYS B 441 -4.94 5.87 -2.80
CA LYS B 441 -5.02 5.71 -1.35
C LYS B 441 -6.22 6.42 -0.77
N ILE B 442 -6.66 7.50 -1.41
CA ILE B 442 -7.74 8.33 -0.90
C ILE B 442 -9.06 7.61 -0.95
N ASP B 443 -9.18 6.61 -1.84
CA ASP B 443 -10.49 6.01 -2.09
C ASP B 443 -11.02 5.26 -0.87
N SER B 444 -10.14 4.81 0.03
CA SER B 444 -10.58 4.21 1.29
C SER B 444 -11.08 5.24 2.29
N LEU B 445 -11.03 6.55 1.96
CA LEU B 445 -11.26 7.61 2.93
C LEU B 445 -12.45 8.48 2.56
N TYR B 446 -12.37 9.26 1.49
CA TYR B 446 -13.46 10.17 1.07
C TYR B 446 -14.65 9.34 0.63
N ALA B 447 -15.86 9.94 0.62
CA ALA B 447 -17.16 9.30 0.44
C ALA B 447 -17.43 8.25 1.51
N GLY B 448 -16.77 8.38 2.67
CA GLY B 448 -16.98 7.47 3.78
C GLY B 448 -15.88 6.44 3.88
N THR B 449 -15.26 6.32 5.06
CA THR B 449 -14.16 5.38 5.25
C THR B 449 -14.68 3.95 5.23
N THR B 450 -13.75 3.01 5.01
CA THR B 450 -14.09 1.59 4.93
C THR B 450 -14.85 1.12 6.17
N ALA B 451 -14.50 1.64 7.35
CA ALA B 451 -15.27 1.31 8.54
C ALA B 451 -16.71 1.78 8.39
N ILE B 452 -16.89 3.02 7.90
CA ILE B 452 -18.23 3.55 7.67
C ILE B 452 -18.94 2.72 6.61
N GLN B 453 -18.22 2.28 5.57
CA GLN B 453 -18.81 1.39 4.58
C GLN B 453 -19.24 0.08 5.23
N ALA B 454 -18.37 -0.52 6.04
CA ALA B 454 -18.68 -1.79 6.68
C ALA B 454 -19.88 -1.66 7.60
N GLN B 455 -20.01 -0.50 8.25
CA GLN B 455 -21.09 -0.25 9.20
C GLN B 455 -22.41 -0.02 8.45
N ASP B 456 -22.36 0.73 7.36
CA ASP B 456 -23.53 0.87 6.50
C ASP B 456 -24.00 -0.50 6.02
N PHE B 457 -23.04 -1.33 5.57
CA PHE B 457 -23.35 -2.62 4.97
C PHE B 457 -24.10 -3.51 5.95
N PHE B 458 -23.62 -3.60 7.18
CA PHE B 458 -24.25 -4.52 8.12
C PHE B 458 -25.57 -3.98 8.65
N PHE B 459 -25.53 -2.79 9.25
CA PHE B 459 -26.67 -2.34 10.05
C PHE B 459 -27.83 -1.90 9.16
N ARG B 460 -27.55 -1.21 8.06
CA ARG B 460 -28.61 -0.67 7.21
C ARG B 460 -28.96 -1.59 6.05
N LYS B 461 -27.95 -2.08 5.32
CA LYS B 461 -28.18 -2.87 4.10
C LYS B 461 -28.47 -4.33 4.39
N ILE B 462 -28.28 -4.78 5.62
CA ILE B 462 -28.63 -6.16 5.97
C ILE B 462 -29.67 -6.15 7.09
N ILE B 463 -29.34 -5.60 8.25
CA ILE B 463 -30.24 -5.70 9.40
C ILE B 463 -31.51 -4.90 9.16
N ARG B 464 -31.38 -3.58 8.99
CA ARG B 464 -32.57 -2.76 8.72
C ARG B 464 -33.32 -3.25 7.50
N ASP B 465 -32.61 -3.85 6.54
CA ASP B 465 -33.22 -4.45 5.35
C ASP B 465 -33.92 -5.78 5.65
N LYS B 466 -33.84 -6.28 6.88
CA LYS B 466 -34.35 -7.61 7.24
C LYS B 466 -33.71 -8.71 6.38
N GLY B 467 -32.50 -8.47 5.86
CA GLY B 467 -31.75 -9.48 5.15
C GLY B 467 -32.27 -9.86 3.79
N GLN B 468 -33.20 -9.09 3.21
CA GLN B 468 -33.90 -9.57 2.02
C GLN B 468 -33.04 -9.44 0.76
N ALA B 469 -32.29 -8.34 0.63
CA ALA B 469 -31.41 -8.22 -0.52
C ALA B 469 -30.31 -9.27 -0.47
N LEU B 470 -29.58 -9.34 0.64
CA LEU B 470 -28.53 -10.34 0.81
C LEU B 470 -29.02 -11.75 0.51
N ALA B 471 -30.28 -12.05 0.86
CA ALA B 471 -30.82 -13.37 0.59
C ALA B 471 -31.01 -13.59 -0.90
N TYR B 472 -31.47 -12.57 -1.62
CA TYR B 472 -31.57 -12.69 -3.07
C TYR B 472 -30.23 -13.09 -3.68
N VAL B 473 -29.17 -12.38 -3.30
CA VAL B 473 -27.85 -12.64 -3.87
C VAL B 473 -27.36 -14.02 -3.47
N ALA B 474 -27.50 -14.37 -2.19
CA ALA B 474 -27.20 -15.72 -1.75
C ALA B 474 -27.87 -16.74 -2.65
N GLY B 475 -29.14 -16.48 -3.00
CA GLY B 475 -29.86 -17.40 -3.88
C GLY B 475 -29.17 -17.58 -5.22
N GLU B 476 -28.73 -16.48 -5.83
CA GLU B 476 -28.13 -16.56 -7.16
C GLU B 476 -26.79 -17.26 -7.13
N ILE B 477 -26.06 -17.16 -6.02
CA ILE B 477 -24.82 -17.92 -5.87
C ILE B 477 -25.14 -19.38 -5.62
N GLU B 478 -26.14 -19.65 -4.76
CA GLU B 478 -26.57 -21.02 -4.50
C GLU B 478 -27.08 -21.67 -5.78
N GLN B 479 -27.77 -20.90 -6.64
CA GLN B 479 -28.28 -21.43 -7.90
C GLN B 479 -27.15 -21.72 -8.89
N PHE B 480 -26.06 -20.95 -8.84
CA PHE B 480 -24.94 -21.24 -9.73
C PHE B 480 -24.21 -22.51 -9.31
N ILE B 481 -24.11 -22.75 -8.00
CA ILE B 481 -23.40 -23.92 -7.51
C ILE B 481 -24.12 -25.20 -7.90
N LYS B 482 -25.46 -25.19 -7.84
CA LYS B 482 -26.24 -26.41 -8.00
C LYS B 482 -26.32 -26.85 -9.46
N ASN B 483 -26.26 -25.92 -10.40
CA ASN B 483 -26.27 -26.28 -11.81
C ASN B 483 -25.07 -27.18 -12.13
N ASN B 487 -21.96 -29.43 -17.60
CA ASN B 487 -20.52 -29.68 -17.59
C ASN B 487 -20.02 -30.00 -16.17
N GLY B 488 -18.77 -30.42 -16.09
CA GLY B 488 -18.13 -30.73 -14.83
C GLY B 488 -16.69 -30.26 -14.78
N ARG B 489 -16.29 -29.49 -15.79
CA ARG B 489 -15.00 -28.80 -15.78
C ARG B 489 -14.99 -27.61 -14.84
N LEU B 490 -16.10 -27.38 -14.11
CA LEU B 490 -16.17 -26.38 -13.06
C LEU B 490 -16.60 -26.99 -11.73
N LYS B 491 -16.46 -28.31 -11.57
CA LYS B 491 -16.88 -28.98 -10.34
C LYS B 491 -16.08 -28.49 -9.15
N THR B 492 -14.77 -28.30 -9.32
CA THR B 492 -13.93 -27.88 -8.21
C THR B 492 -14.20 -26.44 -7.84
N GLU B 493 -14.36 -25.57 -8.84
CA GLU B 493 -14.71 -24.18 -8.57
C GLU B 493 -16.04 -24.10 -7.81
N ARG B 494 -16.99 -24.96 -8.14
CA ARG B 494 -18.30 -24.91 -7.50
C ARG B 494 -18.24 -25.39 -6.05
N GLU B 495 -17.41 -26.40 -5.76
CA GLU B 495 -17.23 -26.83 -4.38
C GLU B 495 -16.59 -25.74 -3.55
N LEU B 496 -15.57 -25.08 -4.10
CA LEU B 496 -14.90 -24.02 -3.37
C LEU B 496 -15.85 -22.85 -3.16
N LEU B 497 -16.67 -22.54 -4.17
CA LEU B 497 -17.66 -21.48 -4.00
C LEU B 497 -18.71 -21.87 -2.97
N ALA B 498 -19.05 -23.15 -2.88
CA ALA B 498 -20.02 -23.59 -1.88
C ALA B 498 -19.49 -23.41 -0.47
N THR B 499 -18.25 -23.84 -0.23
CA THR B 499 -17.58 -23.55 1.03
C THR B 499 -17.64 -22.06 1.34
N ALA B 500 -17.14 -21.24 0.41
CA ALA B 500 -17.10 -19.80 0.64
C ALA B 500 -18.48 -19.24 0.99
N LEU B 501 -19.48 -19.56 0.18
CA LEU B 501 -20.84 -19.10 0.48
C LEU B 501 -21.23 -19.45 1.91
N ALA B 502 -20.99 -20.70 2.32
CA ALA B 502 -21.24 -21.09 3.70
C ALA B 502 -20.42 -20.27 4.67
N ASP B 503 -19.15 -20.02 4.36
CA ASP B 503 -18.32 -19.25 5.28
C ASP B 503 -18.90 -17.86 5.51
N VAL B 504 -19.33 -17.19 4.42
CA VAL B 504 -19.88 -15.85 4.59
C VAL B 504 -21.19 -15.89 5.38
N GLN B 505 -22.03 -16.88 5.12
CA GLN B 505 -23.22 -17.09 5.95
C GLN B 505 -22.82 -17.30 7.41
N GLY B 506 -21.75 -18.06 7.66
CA GLY B 506 -21.24 -18.18 9.01
C GLY B 506 -20.98 -16.82 9.63
N MET B 507 -20.22 -15.99 8.91
CA MET B 507 -19.91 -14.65 9.39
C MET B 507 -21.17 -13.86 9.70
N ALA B 508 -22.12 -13.84 8.76
CA ALA B 508 -23.32 -13.06 8.92
C ALA B 508 -24.13 -13.54 10.10
N ALA B 509 -24.17 -14.86 10.32
CA ALA B 509 -24.90 -15.40 11.46
C ALA B 509 -24.24 -15.02 12.77
N SER B 510 -22.90 -15.16 12.84
CA SER B 510 -22.14 -14.76 14.01
C SER B 510 -22.38 -13.31 14.39
N LEU B 511 -22.23 -12.40 13.43
CA LEU B 511 -22.40 -10.98 13.72
C LEU B 511 -23.83 -10.69 14.15
N THR B 512 -24.81 -11.30 13.49
CA THR B 512 -26.18 -11.13 13.94
C THR B 512 -26.34 -11.64 15.37
N GLY B 513 -25.63 -12.71 15.72
CA GLY B 513 -25.67 -13.19 17.09
C GLY B 513 -25.16 -12.15 18.07
N TYR B 514 -23.99 -11.55 17.77
CA TYR B 514 -23.44 -10.52 18.62
C TYR B 514 -24.38 -9.33 18.74
N LEU B 515 -25.06 -8.98 17.66
CA LEU B 515 -26.02 -7.89 17.71
C LEU B 515 -27.14 -8.21 18.68
N MET B 516 -27.67 -9.42 18.63
CA MET B 516 -28.82 -9.75 19.47
C MET B 516 -28.44 -10.00 20.92
N ALA B 517 -27.19 -10.39 21.19
CA ALA B 517 -26.71 -10.45 22.57
C ALA B 517 -26.57 -9.07 23.19
N ALA B 518 -26.51 -8.01 22.38
CA ALA B 518 -26.37 -6.67 22.92
C ALA B 518 -27.66 -6.17 23.55
N GLN B 519 -28.76 -6.92 23.37
CA GLN B 519 -29.98 -6.63 24.11
C GLN B 519 -29.77 -6.82 25.61
N GLU B 520 -28.97 -7.82 25.99
CA GLU B 520 -28.70 -8.10 27.40
C GLU B 520 -27.38 -7.53 27.90
N ASP B 521 -26.43 -7.20 27.02
CA ASP B 521 -25.11 -6.70 27.43
C ASP B 521 -24.63 -5.80 26.30
N ALA B 522 -24.82 -4.48 26.46
CA ALA B 522 -24.57 -3.55 25.37
C ALA B 522 -23.16 -3.70 24.79
N ALA B 523 -22.19 -4.07 25.63
CA ALA B 523 -20.80 -4.14 25.20
C ALA B 523 -20.59 -5.18 24.11
N SER B 524 -21.54 -6.09 23.90
CA SER B 524 -21.40 -7.12 22.88
C SER B 524 -21.42 -6.53 21.48
N ILE B 525 -22.04 -5.36 21.32
CA ILE B 525 -22.09 -4.71 20.01
C ILE B 525 -20.69 -4.46 19.47
N TYR B 526 -19.71 -4.31 20.36
CA TYR B 526 -18.34 -4.08 19.92
C TYR B 526 -17.85 -5.22 19.02
N LYS B 527 -18.33 -6.44 19.25
CA LYS B 527 -17.91 -7.57 18.44
C LYS B 527 -18.34 -7.39 17.00
N VAL B 528 -19.54 -6.83 16.77
CA VAL B 528 -19.96 -6.50 15.42
C VAL B 528 -18.96 -5.54 14.79
N GLY B 529 -18.54 -4.53 15.56
CA GLY B 529 -17.60 -3.57 15.02
C GLY B 529 -16.29 -4.21 14.67
N LEU B 530 -15.80 -5.10 15.54
CA LEU B 530 -14.49 -5.70 15.32
C LEU B 530 -14.48 -6.52 14.04
N GLY B 531 -15.63 -7.08 13.65
CA GLY B 531 -15.66 -7.98 12.52
C GLY B 531 -16.23 -7.38 11.25
N SER B 532 -16.84 -6.20 11.38
CA SER B 532 -17.58 -5.61 10.27
C SER B 532 -16.74 -5.53 9.00
N VAL B 533 -15.53 -4.99 9.11
CA VAL B 533 -14.74 -4.73 7.90
C VAL B 533 -14.27 -6.04 7.27
N ARG B 534 -13.80 -6.99 8.09
CA ARG B 534 -13.47 -8.31 7.59
C ARG B 534 -14.67 -8.95 6.89
N PHE B 535 -15.86 -8.76 7.45
CA PHE B 535 -17.06 -9.31 6.84
C PHE B 535 -17.31 -8.70 5.47
N LEU B 536 -17.26 -7.36 5.39
CA LEU B 536 -17.45 -6.68 4.13
C LEU B 536 -16.50 -7.22 3.07
N MET B 537 -15.23 -7.35 3.43
CA MET B 537 -14.24 -7.88 2.49
C MET B 537 -14.56 -9.31 2.09
N ALA B 538 -15.12 -10.08 3.03
CA ALA B 538 -15.45 -11.46 2.72
C ALA B 538 -16.53 -11.53 1.64
N VAL B 539 -17.60 -10.74 1.81
CA VAL B 539 -18.66 -10.70 0.80
C VAL B 539 -18.09 -10.27 -0.55
N GLY B 540 -17.14 -9.34 -0.53
CA GLY B 540 -16.51 -8.93 -1.77
C GLY B 540 -15.74 -10.07 -2.44
N ASP B 541 -14.93 -10.79 -1.67
CA ASP B 541 -14.21 -11.92 -2.25
C ASP B 541 -15.18 -12.96 -2.78
N LEU B 542 -16.25 -13.23 -2.05
CA LEU B 542 -17.24 -14.20 -2.51
C LEU B 542 -17.80 -13.79 -3.87
N LEU B 543 -18.24 -12.54 -3.98
CA LEU B 543 -18.84 -12.07 -5.22
C LEU B 543 -17.85 -12.18 -6.38
N SER B 544 -16.58 -11.80 -6.16
CA SER B 544 -15.61 -11.88 -7.24
C SER B 544 -15.49 -13.31 -7.74
N GLY B 545 -15.36 -14.27 -6.81
CA GLY B 545 -15.25 -15.66 -7.21
C GLY B 545 -16.48 -16.19 -7.89
N TRP B 546 -17.65 -15.71 -7.48
CA TRP B 546 -18.89 -16.14 -8.13
C TRP B 546 -19.00 -15.55 -9.53
N LEU B 547 -18.72 -14.25 -9.66
CA LEU B 547 -18.78 -13.60 -10.96
C LEU B 547 -17.67 -14.11 -11.89
N LEU B 548 -16.45 -14.26 -11.37
CA LEU B 548 -15.40 -14.85 -12.19
C LEU B 548 -15.81 -16.24 -12.68
N ALA B 549 -16.56 -16.99 -11.87
CA ALA B 549 -16.97 -18.33 -12.25
C ALA B 549 -18.05 -18.29 -13.30
N ARG B 550 -19.01 -17.38 -13.16
CA ARG B 550 -19.97 -17.17 -14.24
C ARG B 550 -19.24 -16.85 -15.54
N GLN B 551 -18.17 -16.06 -15.47
CA GLN B 551 -17.47 -15.71 -16.68
C GLN B 551 -16.80 -16.94 -17.29
N ALA B 552 -16.27 -17.81 -16.44
CA ALA B 552 -15.64 -19.04 -16.93
C ALA B 552 -16.65 -19.93 -17.64
N ALA B 553 -17.87 -20.03 -17.11
CA ALA B 553 -18.88 -20.88 -17.75
C ALA B 553 -19.23 -20.37 -19.14
N VAL B 554 -19.28 -19.04 -19.32
CA VAL B 554 -19.59 -18.50 -20.64
C VAL B 554 -18.40 -18.64 -21.57
N ALA B 555 -17.18 -18.50 -21.05
CA ALA B 555 -15.98 -18.73 -21.84
C ALA B 555 -15.85 -20.19 -22.26
N ILE B 556 -16.32 -21.13 -21.46
CA ILE B 556 -16.30 -22.53 -21.84
C ILE B 556 -17.29 -22.78 -22.97
N GLU B 557 -18.50 -22.22 -22.87
CA GLU B 557 -19.48 -22.31 -23.95
C GLU B 557 -18.88 -21.77 -25.25
N LYS B 558 -18.27 -20.59 -25.19
CA LYS B 558 -17.74 -19.95 -26.38
C LYS B 558 -16.52 -20.67 -26.93
N LEU B 559 -15.69 -21.25 -26.06
CA LEU B 559 -14.58 -22.07 -26.53
C LEU B 559 -15.08 -23.38 -27.14
N ASP B 560 -16.00 -24.05 -26.45
CA ASP B 560 -16.58 -25.27 -27.01
C ASP B 560 -17.14 -25.03 -28.40
N ALA B 561 -17.67 -23.83 -28.67
CA ALA B 561 -18.32 -23.57 -29.94
C ALA B 561 -17.35 -23.34 -31.09
N GLY B 562 -16.05 -23.15 -30.80
CA GLY B 562 -15.04 -23.07 -31.83
C GLY B 562 -14.33 -21.74 -31.93
N ALA B 563 -14.16 -21.05 -30.80
CA ALA B 563 -13.50 -19.75 -30.82
C ALA B 563 -12.03 -19.90 -31.20
N THR B 564 -11.49 -18.85 -31.80
CA THR B 564 -10.19 -18.84 -32.44
C THR B 564 -9.36 -17.65 -31.94
N GLY B 565 -8.06 -17.71 -32.20
CA GLY B 565 -7.22 -16.52 -32.11
C GLY B 565 -7.35 -15.74 -30.81
N ALA B 566 -7.49 -14.42 -30.93
CA ALA B 566 -7.53 -13.55 -29.77
C ALA B 566 -8.71 -13.89 -28.86
N ASP B 567 -9.87 -14.21 -29.45
CA ASP B 567 -11.02 -14.64 -28.65
C ASP B 567 -10.67 -15.85 -27.80
N LYS B 568 -10.05 -16.87 -28.42
CA LYS B 568 -9.65 -18.07 -27.71
C LYS B 568 -8.79 -17.73 -26.49
N SER B 569 -7.79 -16.86 -26.67
CA SER B 569 -6.91 -16.51 -25.57
C SER B 569 -7.69 -15.83 -24.44
N PHE B 570 -8.54 -14.88 -24.79
CA PHE B 570 -9.35 -14.17 -23.81
C PHE B 570 -10.19 -15.13 -22.97
N TYR B 571 -10.99 -15.97 -23.64
CA TYR B 571 -11.79 -16.96 -22.93
C TYR B 571 -10.93 -17.87 -22.06
N GLU B 572 -9.74 -18.26 -22.55
CA GLU B 572 -8.88 -19.14 -21.77
C GLU B 572 -8.43 -18.46 -20.48
N GLY B 573 -8.15 -17.16 -20.55
CA GLY B 573 -7.72 -16.42 -19.37
C GLY B 573 -8.81 -16.25 -18.33
N LYS B 574 -10.07 -16.18 -18.79
CA LYS B 574 -11.18 -16.12 -17.84
C LYS B 574 -11.24 -17.42 -17.04
N ILE B 575 -11.14 -18.56 -17.74
CA ILE B 575 -11.15 -19.85 -17.05
C ILE B 575 -10.01 -19.91 -16.04
N ALA B 576 -8.80 -19.57 -16.47
CA ALA B 576 -7.65 -19.62 -15.57
C ALA B 576 -7.84 -18.67 -14.37
N ALA B 577 -8.45 -17.51 -14.61
CA ALA B 577 -8.65 -16.56 -13.53
C ALA B 577 -9.69 -17.07 -12.53
N ALA B 578 -10.79 -17.62 -13.02
CA ALA B 578 -11.80 -18.12 -12.11
C ALA B 578 -11.26 -19.27 -11.29
N SER B 579 -10.44 -20.13 -11.91
CA SER B 579 -9.87 -21.27 -11.20
C SER B 579 -8.82 -20.83 -10.19
N PHE B 580 -7.97 -19.87 -10.56
CA PHE B 580 -6.96 -19.41 -9.63
C PHE B 580 -7.61 -18.78 -8.41
N PHE B 581 -8.55 -17.86 -8.63
CA PHE B 581 -9.21 -17.18 -7.52
C PHE B 581 -9.84 -18.17 -6.56
N ALA B 582 -10.58 -19.15 -7.10
CA ALA B 582 -11.24 -20.12 -6.23
C ALA B 582 -10.22 -20.88 -5.40
N LYS B 583 -9.08 -21.22 -6.00
CA LYS B 583 -8.11 -22.08 -5.33
C LYS B 583 -7.08 -21.31 -4.49
N ASN B 584 -6.97 -19.98 -4.66
CA ASN B 584 -5.92 -19.22 -3.99
C ASN B 584 -6.44 -18.09 -3.09
N MET B 585 -7.65 -17.58 -3.30
CA MET B 585 -8.21 -16.51 -2.47
C MET B 585 -9.39 -16.97 -1.63
N LEU B 586 -10.31 -17.74 -2.19
CA LEU B 586 -11.54 -18.07 -1.47
C LEU B 586 -11.31 -18.86 -0.19
N PRO B 587 -10.36 -19.79 -0.11
CA PRO B 587 -10.23 -20.59 1.13
C PRO B 587 -9.93 -19.78 2.36
N LEU B 588 -9.30 -18.62 2.20
CA LEU B 588 -8.95 -17.78 3.35
C LEU B 588 -10.19 -17.37 4.14
N LEU B 589 -11.37 -17.39 3.50
CA LEU B 589 -12.58 -16.96 4.18
C LEU B 589 -12.96 -17.94 5.28
N THR B 590 -12.64 -19.22 5.11
CA THR B 590 -12.87 -20.21 6.18
C THR B 590 -12.16 -19.79 7.46
N SER B 591 -10.86 -19.51 7.36
CA SER B 591 -10.12 -18.98 8.50
C SER B 591 -10.76 -17.72 9.04
N THR B 592 -11.11 -16.79 8.15
CA THR B 592 -11.75 -15.56 8.59
C THR B 592 -13.01 -15.85 9.39
N ARG B 593 -13.85 -16.79 8.91
CA ARG B 593 -15.05 -17.17 9.62
C ARG B 593 -14.74 -17.65 11.04
N GLN B 594 -13.74 -18.53 11.17
CA GLN B 594 -13.36 -19.01 12.49
C GLN B 594 -12.86 -17.87 13.37
N ILE B 595 -12.15 -16.90 12.79
CA ILE B 595 -11.69 -15.77 13.59
C ILE B 595 -12.87 -14.94 14.05
N ILE B 596 -13.85 -14.71 13.18
CA ILE B 596 -15.02 -13.93 13.55
C ILE B 596 -15.84 -14.66 14.61
N GLU B 597 -15.97 -15.98 14.46
CA GLU B 597 -16.72 -16.78 15.43
C GLU B 597 -16.10 -16.74 16.82
N ASN B 598 -14.87 -16.23 16.96
CA ASN B 598 -14.19 -16.26 18.24
C ASN B 598 -13.75 -14.88 18.74
N LEU B 599 -14.34 -13.81 18.21
CA LEU B 599 -13.99 -12.47 18.69
C LEU B 599 -14.31 -12.32 20.17
N ASP B 600 -13.57 -11.43 20.84
CA ASP B 600 -13.74 -11.18 22.26
C ASP B 600 -13.57 -9.69 22.50
N ASN B 601 -13.98 -9.22 23.69
CA ASN B 601 -13.87 -7.81 24.01
C ASN B 601 -12.57 -7.47 24.75
N ASP B 602 -11.57 -8.36 24.71
CA ASP B 602 -10.31 -8.07 25.38
C ASP B 602 -9.70 -6.78 24.87
N VAL B 603 -9.59 -6.64 23.56
CA VAL B 603 -9.01 -5.44 22.96
C VAL B 603 -9.85 -4.21 23.28
N MET B 604 -11.11 -4.39 23.64
CA MET B 604 -11.95 -3.26 24.01
C MET B 604 -11.65 -2.80 25.43
N GLU B 605 -11.58 -3.75 26.38
CA GLU B 605 -11.46 -3.43 27.80
C GLU B 605 -10.06 -2.95 28.15
N LEU B 606 -9.07 -3.23 27.31
CA LEU B 606 -7.70 -2.83 27.61
C LEU B 606 -7.62 -1.33 27.79
N ASP B 607 -6.85 -0.91 28.79
CA ASP B 607 -6.70 0.52 29.08
C ASP B 607 -5.96 1.18 27.93
N GLU B 608 -6.41 2.39 27.56
CA GLU B 608 -5.84 3.10 26.43
C GLU B 608 -4.33 3.28 26.60
N ALA B 609 -3.87 3.53 27.82
CA ALA B 609 -2.45 3.74 28.07
C ALA B 609 -1.61 2.50 27.78
N ALA B 610 -2.22 1.33 27.58
CA ALA B 610 -1.47 0.12 27.31
C ALA B 610 -1.10 -0.02 25.84
N PHE B 611 -1.71 0.77 24.96
CA PHE B 611 -1.29 0.85 23.57
C PHE B 611 0.04 1.58 23.49
#